data_9CDV
#
_entry.id   9CDV
#
_cell.length_a   57.156
_cell.length_b   106.477
_cell.length_c   71.305
_cell.angle_alpha   90.000
_cell.angle_beta   107.040
_cell.angle_gamma   90.000
#
_symmetry.space_group_name_H-M   'P 1 21 1'
#
loop_
_entity.id
_entity.type
_entity.pdbx_description
1 polymer 'Rhombotarget A'
2 non-polymer 'MAGNESIUM ION'
3 non-polymer 2-[BIS-(2-HYDROXY-ETHYL)-AMINO]-2-HYDROXYMETHYL-PROPANE-1,3-DIOL
4 water water
#
_entity_poly.entity_id   1
_entity_poly.type   'polypeptide(L)'
_entity_poly.pdbx_seq_one_letter_code
;MGADIEVTTTIDEDVDNTVCSLREAVELINKRNSSDSTVVASVKDGYHGCGNKDASSNIILQRDKEYTLNSRITITAPLT
ISTAKNDSTLVDTDQPGSHNATIKMAGTDQLFKIDDESVEKASFSVLLSDLNLQGAGANSKVLTGGLILNHEKLTIQNSR
LTGGYANQGGVIYNQGFASKSDRTFGFVYIVNSLIQNNKAAQGGVIYSEQPLFLITQSVIRDNEVSNTSGSLFFSQDSFD
DESTGEYVVQRAIGLSNSTVFHNKGGFITNVRDGMFVNNITMIKNDKGLFLEAPQGNASISNSILVGNTINCQANSTDKA
IIQSNLVTTECNRNASVKVPNILYPANQKLIAGSTDEGVCDVASKDGLLCPFNTPKDSFLGFFKPRLLESYNTLADSLII
NKGRLYSDGTSVGLASCETLDQRGKRRTGYDELCDLGAIEYIGLNDIFEAQKIEWHELEHHHHHH
;
_entity_poly.pdbx_strand_id   A,B
#
loop_
_chem_comp.id
_chem_comp.type
_chem_comp.name
_chem_comp.formula
BTB non-polymer 2-[BIS-(2-HYDROXY-ETHYL)-AMINO]-2-HYDROXYMETHYL-PROPANE-1,3-DIOL 'C8 H19 N O5'
MG non-polymer 'MAGNESIUM ION' 'Mg 2'
#
# COMPACT_ATOMS: atom_id res chain seq x y z
N GLY A 2 -2.09 -27.84 -18.51
CA GLY A 2 -1.02 -28.03 -19.48
C GLY A 2 0.37 -28.07 -18.86
N ALA A 3 1.38 -27.85 -19.70
CA ALA A 3 2.76 -27.90 -19.23
C ALA A 3 3.08 -26.72 -18.35
N ASP A 4 3.92 -26.95 -17.35
CA ASP A 4 4.41 -25.86 -16.51
C ASP A 4 5.48 -25.08 -17.27
N ILE A 5 5.72 -23.86 -16.81
CA ILE A 5 6.71 -22.97 -17.42
C ILE A 5 8.01 -23.13 -16.64
N GLU A 6 8.99 -23.81 -17.25
CA GLU A 6 10.29 -24.01 -16.64
C GLU A 6 11.23 -22.90 -17.10
N VAL A 7 11.70 -22.09 -16.14
CA VAL A 7 12.63 -21.02 -16.47
C VAL A 7 13.94 -21.63 -16.95
N THR A 8 14.44 -21.13 -18.08
CA THR A 8 15.59 -21.72 -18.75
C THR A 8 16.82 -20.83 -18.73
N THR A 9 16.81 -19.75 -17.95
CA THR A 9 18.00 -18.95 -17.74
C THR A 9 17.94 -18.32 -16.36
N THR A 10 19.10 -18.16 -15.73
CA THR A 10 19.18 -17.62 -14.39
C THR A 10 19.35 -16.11 -14.36
N ILE A 11 19.64 -15.48 -15.50
CA ILE A 11 19.82 -14.04 -15.53
C ILE A 11 18.46 -13.34 -15.52
N ASP A 12 18.48 -12.06 -15.17
CA ASP A 12 17.29 -11.22 -15.22
C ASP A 12 17.23 -10.54 -16.58
N GLU A 13 16.19 -10.84 -17.37
CA GLU A 13 16.06 -10.24 -18.68
C GLU A 13 14.60 -10.16 -19.07
N ASP A 14 14.32 -9.28 -20.03
CA ASP A 14 13.12 -9.34 -20.86
C ASP A 14 13.61 -9.01 -22.28
N VAL A 15 14.09 -10.04 -22.97
CA VAL A 15 14.59 -9.92 -24.34
C VAL A 15 14.00 -11.06 -25.16
N ASP A 16 13.49 -10.74 -26.34
CA ASP A 16 12.90 -11.75 -27.22
C ASP A 16 14.01 -12.62 -27.79
N ASN A 17 14.19 -13.81 -27.22
CA ASN A 17 15.24 -14.72 -27.67
C ASN A 17 14.77 -16.15 -27.40
N THR A 18 15.73 -17.08 -27.27
CA THR A 18 15.41 -18.49 -27.14
C THR A 18 15.27 -18.97 -25.70
N VAL A 19 15.63 -18.15 -24.71
CA VAL A 19 15.62 -18.59 -23.32
C VAL A 19 14.49 -17.89 -22.56
N CYS A 20 14.08 -18.50 -21.45
CA CYS A 20 12.96 -18.04 -20.64
C CYS A 20 13.46 -17.64 -19.26
N SER A 21 13.24 -16.38 -18.89
CA SER A 21 13.63 -15.88 -17.58
C SER A 21 12.43 -15.87 -16.64
N LEU A 22 12.72 -15.72 -15.35
CA LEU A 22 11.64 -15.64 -14.35
C LEU A 22 10.75 -14.43 -14.61
N ARG A 23 11.36 -13.28 -14.94
CA ARG A 23 10.58 -12.09 -15.24
C ARG A 23 9.69 -12.32 -16.46
N GLU A 24 10.21 -12.99 -17.49
CA GLU A 24 9.41 -13.26 -18.68
C GLU A 24 8.31 -14.28 -18.40
N ALA A 25 8.59 -15.26 -17.54
CA ALA A 25 7.59 -16.25 -17.19
C ALA A 25 6.42 -15.62 -16.45
N VAL A 26 6.69 -14.66 -15.58
CA VAL A 26 5.61 -13.93 -14.92
C VAL A 26 4.89 -13.04 -15.91
N GLU A 27 5.64 -12.36 -16.79
CA GLU A 27 5.01 -11.47 -17.75
C GLU A 27 4.08 -12.22 -18.70
N LEU A 28 4.43 -13.46 -19.04
CA LEU A 28 3.56 -14.29 -19.86
C LEU A 28 2.22 -14.52 -19.16
N ILE A 29 2.26 -14.95 -17.90
CA ILE A 29 1.03 -15.21 -17.16
C ILE A 29 0.23 -13.92 -16.94
N ASN A 30 0.92 -12.79 -16.73
CA ASN A 30 0.23 -11.52 -16.60
C ASN A 30 -0.53 -11.17 -17.88
N LYS A 31 0.11 -11.37 -19.03
CA LYS A 31 -0.49 -10.96 -20.30
C LYS A 31 -1.63 -11.87 -20.73
N ARG A 32 -1.54 -13.18 -20.46
CA ARG A 32 -2.66 -14.05 -20.74
C ARG A 32 -3.89 -13.69 -19.92
N ASN A 33 -3.69 -13.03 -18.78
CA ASN A 33 -4.76 -12.62 -17.88
C ASN A 33 -5.27 -11.21 -18.19
N SER A 34 -4.72 -10.55 -19.19
CA SER A 34 -5.12 -9.19 -19.50
C SER A 34 -6.55 -9.12 -20.03
N SER A 35 -7.21 -8.00 -19.76
CA SER A 35 -8.55 -7.77 -20.29
C SER A 35 -8.54 -7.25 -21.72
N ASP A 36 -7.36 -6.97 -22.28
CA ASP A 36 -7.23 -6.54 -23.66
C ASP A 36 -6.99 -7.76 -24.54
N SER A 37 -7.85 -7.95 -25.54
CA SER A 37 -7.78 -9.14 -26.39
C SER A 37 -6.51 -9.16 -27.22
N THR A 38 -6.01 -8.00 -27.63
CA THR A 38 -4.78 -7.97 -28.42
C THR A 38 -3.57 -8.35 -27.58
N VAL A 39 -3.58 -8.01 -26.28
CA VAL A 39 -2.48 -8.41 -25.41
C VAL A 39 -2.51 -9.92 -25.18
N VAL A 40 -3.70 -10.48 -24.93
CA VAL A 40 -3.82 -11.92 -24.75
C VAL A 40 -3.38 -12.65 -26.01
N ALA A 41 -3.76 -12.13 -27.18
CA ALA A 41 -3.37 -12.77 -28.43
C ALA A 41 -1.87 -12.60 -28.70
N SER A 42 -1.25 -11.55 -28.16
CA SER A 42 0.17 -11.32 -28.38
C SER A 42 1.04 -12.40 -27.78
N VAL A 43 0.56 -13.12 -26.78
CA VAL A 43 1.35 -14.17 -26.13
C VAL A 43 0.71 -15.53 -26.36
N LYS A 44 0.03 -15.70 -27.50
CA LYS A 44 -0.63 -16.97 -27.78
C LYS A 44 0.37 -18.11 -27.92
N ASP A 45 1.55 -17.82 -28.48
CA ASP A 45 2.57 -18.83 -28.71
C ASP A 45 3.75 -18.68 -27.76
N GLY A 46 3.63 -17.83 -26.74
CA GLY A 46 4.69 -17.62 -25.78
C GLY A 46 5.02 -16.15 -25.66
N TYR A 47 6.00 -15.86 -24.79
CA TYR A 47 6.48 -14.50 -24.58
C TYR A 47 8.00 -14.53 -24.44
N HIS A 48 8.68 -14.08 -25.50
CA HIS A 48 10.13 -13.77 -25.47
C HIS A 48 10.98 -14.93 -24.99
N GLY A 49 10.58 -16.16 -25.29
CA GLY A 49 11.33 -17.34 -24.92
C GLY A 49 10.62 -18.27 -23.97
N CYS A 50 9.52 -17.83 -23.35
CA CYS A 50 8.73 -18.66 -22.44
C CYS A 50 7.55 -19.20 -23.22
N GLY A 51 7.64 -20.47 -23.63
CA GLY A 51 6.60 -21.04 -24.46
C GLY A 51 5.25 -21.06 -23.77
N ASN A 52 4.19 -21.00 -24.57
CA ASN A 52 2.84 -20.97 -24.04
C ASN A 52 2.07 -22.07 -24.75
N LYS A 53 1.05 -21.76 -25.53
CA LYS A 53 0.13 -22.76 -26.06
C LYS A 53 -0.37 -23.70 -24.99
N ASP A 54 -1.39 -23.27 -24.24
CA ASP A 54 -2.03 -24.04 -23.18
C ASP A 54 -1.08 -24.34 -22.03
N ALA A 55 -0.14 -23.44 -21.77
CA ALA A 55 0.75 -23.60 -20.62
C ALA A 55 0.01 -23.29 -19.33
N SER A 56 0.46 -23.90 -18.25
CA SER A 56 -0.14 -23.67 -16.94
C SER A 56 0.32 -22.33 -16.38
N SER A 57 -0.14 -22.01 -15.17
CA SER A 57 0.33 -20.84 -14.45
C SER A 57 1.35 -21.20 -13.38
N ASN A 58 2.02 -22.35 -13.53
CA ASN A 58 3.02 -22.81 -12.58
C ASN A 58 4.41 -22.52 -13.14
N ILE A 59 5.17 -21.68 -12.44
CA ILE A 59 6.54 -21.37 -12.81
C ILE A 59 7.47 -22.27 -12.01
N ILE A 60 8.36 -22.96 -12.69
CA ILE A 60 9.24 -23.96 -12.09
C ILE A 60 10.69 -23.46 -12.18
N LEU A 61 11.37 -23.45 -11.04
CA LEU A 61 12.79 -23.12 -10.97
C LEU A 61 13.58 -24.39 -10.69
N GLN A 62 14.78 -24.46 -11.25
CA GLN A 62 15.60 -25.66 -11.13
C GLN A 62 16.22 -25.78 -9.74
N ARG A 63 16.41 -27.02 -9.31
CA ARG A 63 17.02 -27.28 -8.01
C ARG A 63 18.46 -26.79 -7.99
N ASP A 64 18.89 -26.27 -6.84
CA ASP A 64 20.26 -25.84 -6.59
C ASP A 64 20.71 -24.70 -7.51
N LYS A 65 19.76 -24.01 -8.15
CA LYS A 65 20.07 -22.89 -9.04
C LYS A 65 19.64 -21.58 -8.40
N GLU A 66 20.42 -20.54 -8.66
CA GLU A 66 20.16 -19.19 -8.15
C GLU A 66 19.72 -18.30 -9.29
N TYR A 67 18.58 -17.65 -9.12
CA TYR A 67 17.99 -16.77 -10.13
C TYR A 67 18.03 -15.34 -9.60
N THR A 68 18.75 -14.47 -10.31
CA THR A 68 19.00 -13.12 -9.86
C THR A 68 17.98 -12.15 -10.44
N LEU A 69 17.58 -11.18 -9.64
CA LEU A 69 16.71 -10.10 -10.07
C LEU A 69 17.43 -8.77 -9.86
N ASN A 70 17.39 -7.90 -10.86
CA ASN A 70 17.95 -6.57 -10.74
C ASN A 70 16.94 -5.53 -10.28
N SER A 71 15.64 -5.85 -10.37
CA SER A 71 14.58 -4.99 -9.86
C SER A 71 13.38 -5.88 -9.57
N ARG A 72 12.30 -5.27 -9.08
CA ARG A 72 11.14 -6.02 -8.67
C ARG A 72 10.43 -6.65 -9.88
N ILE A 73 9.69 -7.72 -9.60
CA ILE A 73 8.75 -8.32 -10.53
C ILE A 73 7.35 -8.02 -10.02
N THR A 74 6.48 -7.54 -10.91
CA THR A 74 5.11 -7.21 -10.56
C THR A 74 4.19 -8.32 -11.04
N ILE A 75 3.43 -8.91 -10.11
CA ILE A 75 2.54 -10.02 -10.37
C ILE A 75 1.10 -9.50 -10.37
N THR A 76 0.42 -9.63 -11.51
CA THR A 76 -0.96 -9.15 -11.64
C THR A 76 -1.95 -10.27 -11.92
N ALA A 77 -1.55 -11.53 -11.76
CA ALA A 77 -2.40 -12.66 -12.10
C ALA A 77 -2.04 -13.83 -11.20
N PRO A 78 -3.00 -14.71 -10.91
CA PRO A 78 -2.68 -15.86 -10.05
C PRO A 78 -1.64 -16.77 -10.69
N LEU A 79 -0.68 -17.20 -9.87
CA LEU A 79 0.39 -18.08 -10.35
C LEU A 79 1.05 -18.73 -9.15
N THR A 80 1.92 -19.70 -9.44
CA THR A 80 2.76 -20.33 -8.43
C THR A 80 4.21 -20.32 -8.92
N ILE A 81 5.13 -20.11 -7.99
CA ILE A 81 6.56 -20.26 -8.23
C ILE A 81 7.10 -21.28 -7.24
N SER A 82 7.78 -22.30 -7.74
CA SER A 82 8.27 -23.35 -6.88
C SER A 82 9.52 -23.97 -7.50
N THR A 83 10.24 -24.73 -6.68
CA THR A 83 11.38 -25.49 -7.15
C THR A 83 10.92 -26.83 -7.73
N ALA A 84 11.58 -27.25 -8.81
CA ALA A 84 11.28 -28.55 -9.40
C ALA A 84 11.42 -29.65 -8.37
N LYS A 85 10.47 -30.58 -8.38
CA LYS A 85 10.46 -31.70 -7.44
C LYS A 85 11.04 -32.95 -8.10
N ASN A 86 11.80 -33.71 -7.33
CA ASN A 86 12.43 -34.92 -7.83
C ASN A 86 11.41 -36.06 -7.90
N ASP A 87 11.88 -37.23 -8.35
CA ASP A 87 11.06 -38.42 -8.33
C ASP A 87 10.76 -38.82 -6.89
N SER A 88 9.48 -39.02 -6.58
CA SER A 88 9.08 -39.49 -5.26
C SER A 88 9.24 -40.99 -5.10
N THR A 89 9.42 -41.73 -6.20
CA THR A 89 9.64 -43.17 -6.14
C THR A 89 11.12 -43.52 -6.06
N LEU A 90 11.97 -42.56 -5.73
CA LEU A 90 13.39 -42.80 -5.51
C LEU A 90 13.75 -42.43 -4.08
N VAL A 91 14.80 -43.06 -3.56
CA VAL A 91 15.24 -42.82 -2.19
C VAL A 91 15.77 -41.39 -2.09
N ASP A 92 15.07 -40.57 -1.31
CA ASP A 92 15.44 -39.16 -1.09
C ASP A 92 15.77 -38.99 0.38
N THR A 93 17.00 -39.33 0.75
CA THR A 93 17.48 -39.14 2.11
C THR A 93 18.08 -37.76 2.34
N ASP A 94 18.05 -36.89 1.32
CA ASP A 94 18.56 -35.53 1.49
C ASP A 94 17.66 -34.75 2.43
N GLN A 95 18.28 -33.85 3.19
CA GLN A 95 17.55 -33.04 4.15
C GLN A 95 16.55 -32.14 3.42
N PRO A 96 15.30 -32.06 3.90
CA PRO A 96 14.33 -31.19 3.23
C PRO A 96 14.81 -29.76 3.16
N GLY A 97 14.57 -29.13 2.01
CA GLY A 97 14.98 -27.76 1.79
C GLY A 97 16.42 -27.56 1.39
N SER A 98 17.20 -28.63 1.26
CA SER A 98 18.60 -28.51 0.90
C SER A 98 18.83 -28.25 -0.59
N HIS A 99 17.79 -28.38 -1.42
CA HIS A 99 17.93 -28.21 -2.87
C HIS A 99 17.03 -27.10 -3.40
N ASN A 100 16.53 -26.24 -2.52
CA ASN A 100 15.67 -25.14 -2.94
C ASN A 100 16.38 -24.24 -3.95
N ALA A 101 15.63 -23.80 -4.95
CA ALA A 101 16.11 -22.73 -5.82
C ALA A 101 16.13 -21.42 -5.06
N THR A 102 16.98 -20.50 -5.49
CA THR A 102 17.14 -19.22 -4.83
C THR A 102 16.71 -18.10 -5.77
N ILE A 103 15.92 -17.17 -5.25
CA ILE A 103 15.59 -15.92 -5.95
C ILE A 103 16.34 -14.82 -5.21
N LYS A 104 17.32 -14.22 -5.89
CA LYS A 104 18.29 -13.34 -5.26
C LYS A 104 18.19 -11.94 -5.85
N MET A 105 18.04 -10.94 -4.99
CA MET A 105 18.06 -9.55 -5.43
C MET A 105 19.50 -9.08 -5.58
N ALA A 106 19.86 -8.67 -6.79
CA ALA A 106 21.19 -8.13 -7.07
C ALA A 106 21.24 -6.62 -6.95
N GLY A 107 20.10 -5.94 -7.00
CA GLY A 107 20.02 -4.50 -6.86
C GLY A 107 19.64 -4.09 -5.45
N THR A 108 18.81 -3.05 -5.36
CA THR A 108 18.38 -2.48 -4.09
C THR A 108 16.87 -2.57 -3.90
N ASP A 109 16.18 -3.32 -4.74
CA ASP A 109 14.73 -3.32 -4.81
C ASP A 109 14.14 -4.51 -4.07
N GLN A 110 12.83 -4.47 -3.88
CA GLN A 110 12.10 -5.62 -3.38
C GLN A 110 12.02 -6.69 -4.48
N LEU A 111 11.65 -7.91 -4.06
CA LEU A 111 11.58 -9.01 -5.02
C LEU A 111 10.29 -8.97 -5.83
N PHE A 112 9.15 -8.79 -5.16
CA PHE A 112 7.86 -8.89 -5.82
C PHE A 112 6.93 -7.79 -5.35
N LYS A 113 6.06 -7.36 -6.26
CA LYS A 113 4.87 -6.57 -5.94
C LYS A 113 3.68 -7.34 -6.50
N ILE A 114 2.65 -7.55 -5.68
CA ILE A 114 1.51 -8.37 -6.04
C ILE A 114 0.26 -7.53 -5.88
N ASP A 115 -0.40 -7.23 -7.01
CA ASP A 115 -1.57 -6.35 -6.99
C ASP A 115 -2.43 -6.65 -8.21
N ASP A 116 -3.60 -6.01 -8.24
CA ASP A 116 -4.57 -6.22 -9.32
C ASP A 116 -5.34 -4.93 -9.55
N GLU A 117 -5.68 -4.67 -10.81
CA GLU A 117 -6.46 -3.50 -11.19
C GLU A 117 -7.53 -3.88 -12.20
N SER A 118 -8.15 -5.05 -12.02
CA SER A 118 -9.15 -5.54 -12.95
C SER A 118 -10.54 -5.08 -12.52
N VAL A 119 -11.41 -4.91 -13.52
CA VAL A 119 -12.82 -4.59 -13.25
C VAL A 119 -13.44 -5.80 -12.55
N GLU A 120 -13.71 -5.65 -11.26
CA GLU A 120 -14.16 -6.77 -10.41
C GLU A 120 -13.08 -7.86 -10.49
N LYS A 121 -13.47 -9.12 -10.36
CA LYS A 121 -12.54 -10.24 -10.45
C LYS A 121 -11.33 -10.02 -9.57
N ALA A 122 -11.59 -9.77 -8.29
CA ALA A 122 -10.58 -9.30 -7.36
C ALA A 122 -10.03 -10.42 -6.50
N SER A 123 -8.92 -10.10 -5.82
CA SER A 123 -8.28 -10.99 -4.86
C SER A 123 -7.95 -12.36 -5.46
N PHE A 124 -6.87 -12.43 -6.23
CA PHE A 124 -6.36 -13.72 -6.67
C PHE A 124 -5.31 -14.23 -5.68
N SER A 125 -4.90 -15.48 -5.87
CA SER A 125 -3.98 -16.15 -4.98
C SER A 125 -2.63 -16.38 -5.66
N VAL A 126 -1.57 -16.32 -4.87
CA VAL A 126 -0.22 -16.58 -5.32
C VAL A 126 0.44 -17.53 -4.33
N LEU A 127 1.10 -18.57 -4.86
CA LEU A 127 1.76 -19.58 -4.04
C LEU A 127 3.27 -19.55 -4.32
N LEU A 128 4.05 -19.29 -3.29
CA LEU A 128 5.51 -19.40 -3.36
C LEU A 128 5.91 -20.59 -2.49
N SER A 129 6.53 -21.60 -3.11
CA SER A 129 6.77 -22.88 -2.45
C SER A 129 8.20 -23.34 -2.66
N ASP A 130 8.84 -23.79 -1.58
CA ASP A 130 10.15 -24.45 -1.63
C ASP A 130 11.22 -23.57 -2.26
N LEU A 131 11.24 -22.30 -1.88
CA LEU A 131 12.14 -21.32 -2.47
C LEU A 131 13.01 -20.69 -1.39
N ASN A 132 14.19 -20.23 -1.79
CA ASN A 132 15.06 -19.43 -0.93
C ASN A 132 14.97 -17.98 -1.42
N LEU A 133 14.19 -17.17 -0.71
CA LEU A 133 13.99 -15.77 -1.07
C LEU A 133 14.99 -14.92 -0.30
N GLN A 134 15.93 -14.31 -1.04
CA GLN A 134 16.99 -13.50 -0.45
C GLN A 134 16.89 -12.08 -0.96
N GLY A 135 16.68 -11.13 -0.05
CA GLY A 135 16.53 -9.73 -0.40
C GLY A 135 17.86 -9.00 -0.48
N ALA A 136 17.77 -7.69 -0.67
CA ALA A 136 18.96 -6.86 -0.84
C ALA A 136 19.73 -6.68 0.46
N GLY A 137 19.11 -6.95 1.60
CA GLY A 137 19.84 -6.88 2.86
C GLY A 137 20.26 -5.45 3.17
N ALA A 138 21.56 -5.29 3.48
CA ALA A 138 22.08 -3.98 3.87
C ALA A 138 22.13 -3.00 2.71
N ASN A 139 22.05 -3.48 1.47
CA ASN A 139 21.99 -2.62 0.30
C ASN A 139 20.58 -2.24 -0.08
N SER A 140 19.59 -2.62 0.72
CA SER A 140 18.20 -2.34 0.38
C SER A 140 17.90 -0.85 0.46
N LYS A 141 17.15 -0.35 -0.53
CA LYS A 141 16.57 0.98 -0.49
C LYS A 141 15.06 0.93 -0.36
N VAL A 142 14.50 -0.23 -0.01
CA VAL A 142 13.05 -0.42 -0.03
C VAL A 142 12.43 0.32 1.15
N LEU A 143 11.33 1.04 0.88
CA LEU A 143 10.59 1.68 1.96
C LEU A 143 9.60 0.72 2.62
N THR A 144 8.74 0.09 1.81
CA THR A 144 7.69 -0.79 2.31
C THR A 144 7.80 -2.15 1.63
N GLY A 145 8.04 -3.20 2.41
CA GLY A 145 8.09 -4.54 1.88
C GLY A 145 9.44 -4.94 1.33
N GLY A 146 10.38 -5.27 2.21
CA GLY A 146 11.74 -5.54 1.78
C GLY A 146 11.82 -6.69 0.79
N LEU A 147 10.99 -7.72 0.99
CA LEU A 147 10.88 -8.81 0.02
C LEU A 147 9.68 -8.65 -0.89
N ILE A 148 8.50 -8.43 -0.33
CA ILE A 148 7.25 -8.43 -1.09
C ILE A 148 6.34 -7.31 -0.59
N LEU A 149 5.78 -6.54 -1.50
CA LEU A 149 4.62 -5.69 -1.24
C LEU A 149 3.39 -6.42 -1.78
N ASN A 150 2.44 -6.72 -0.90
CA ASN A 150 1.35 -7.62 -1.22
C ASN A 150 -0.01 -6.95 -1.05
N HIS A 151 -0.90 -7.19 -2.02
CA HIS A 151 -2.29 -6.78 -1.93
C HIS A 151 -3.23 -7.92 -2.28
N GLU A 152 -2.73 -9.15 -2.41
CA GLU A 152 -3.54 -10.29 -2.80
C GLU A 152 -3.43 -11.39 -1.75
N LYS A 153 -3.89 -12.59 -2.10
CA LYS A 153 -3.92 -13.72 -1.17
C LYS A 153 -2.62 -14.50 -1.34
N LEU A 154 -1.65 -14.18 -0.49
CA LEU A 154 -0.28 -14.69 -0.63
C LEU A 154 -0.03 -15.83 0.34
N THR A 155 0.41 -16.98 -0.20
CA THR A 155 0.80 -18.13 0.60
C THR A 155 2.25 -18.48 0.30
N ILE A 156 3.05 -18.63 1.36
CA ILE A 156 4.45 -18.99 1.26
C ILE A 156 4.68 -20.24 2.09
N GLN A 157 5.28 -21.26 1.48
CA GLN A 157 5.48 -22.54 2.18
C GLN A 157 6.85 -23.12 1.87
N ASN A 158 7.40 -23.82 2.86
CA ASN A 158 8.63 -24.60 2.70
C ASN A 158 9.80 -23.73 2.21
N SER A 159 9.82 -22.48 2.67
CA SER A 159 10.74 -21.50 2.09
C SER A 159 11.62 -20.86 3.16
N ARG A 160 12.71 -20.25 2.68
CA ARG A 160 13.55 -19.39 3.50
C ARG A 160 13.30 -17.94 3.09
N LEU A 161 13.12 -17.07 4.08
CA LEU A 161 12.83 -15.66 3.87
C LEU A 161 13.90 -14.85 4.59
N THR A 162 14.86 -14.33 3.83
CA THR A 162 16.03 -13.68 4.42
C THR A 162 16.34 -12.38 3.68
N GLY A 163 17.02 -11.48 4.38
CA GLY A 163 17.55 -10.27 3.76
C GLY A 163 16.52 -9.22 3.43
N GLY A 164 15.33 -9.30 4.00
CA GLY A 164 14.32 -8.28 3.75
C GLY A 164 14.47 -7.09 4.67
N TYR A 165 15.03 -6.01 4.15
CA TYR A 165 15.22 -4.77 4.90
C TYR A 165 14.33 -3.69 4.31
N ALA A 166 13.63 -2.96 5.16
CA ALA A 166 12.81 -1.85 4.71
C ALA A 166 12.54 -0.93 5.89
N ASN A 167 11.89 0.19 5.61
CA ASN A 167 11.43 1.06 6.69
C ASN A 167 10.22 0.46 7.39
N GLN A 168 9.30 -0.12 6.63
CA GLN A 168 8.11 -0.78 7.18
C GLN A 168 7.91 -2.10 6.46
N GLY A 169 7.80 -3.19 7.22
CA GLY A 169 7.60 -4.49 6.64
C GLY A 169 8.84 -5.09 6.04
N GLY A 170 9.69 -5.70 6.88
CA GLY A 170 10.95 -6.24 6.39
C GLY A 170 10.77 -7.32 5.33
N VAL A 171 9.90 -8.28 5.61
CA VAL A 171 9.61 -9.33 4.63
C VAL A 171 8.46 -8.88 3.75
N ILE A 172 7.32 -8.57 4.36
CA ILE A 172 6.09 -8.26 3.62
C ILE A 172 5.47 -7.00 4.18
N TYR A 173 5.09 -6.09 3.30
CA TYR A 173 4.12 -5.04 3.60
C TYR A 173 2.79 -5.49 3.01
N ASN A 174 1.79 -5.69 3.88
CA ASN A 174 0.49 -6.19 3.46
C ASN A 174 -0.51 -5.05 3.50
N GLN A 175 -1.05 -4.70 2.33
CA GLN A 175 -2.00 -3.60 2.18
C GLN A 175 -3.43 -4.08 2.27
N GLY A 176 -4.32 -3.18 2.69
CA GLY A 176 -5.74 -3.45 2.59
C GLY A 176 -6.48 -3.56 3.91
N PHE A 177 -7.72 -3.10 3.92
CA PHE A 177 -8.60 -3.23 5.08
C PHE A 177 -9.70 -4.25 4.77
N ALA A 178 -10.17 -4.93 5.81
CA ALA A 178 -11.12 -6.02 5.67
C ALA A 178 -12.46 -5.60 6.25
N SER A 179 -13.51 -5.65 5.42
CA SER A 179 -14.87 -5.39 5.85
C SER A 179 -15.80 -6.01 4.82
N LYS A 180 -17.11 -5.88 5.06
CA LYS A 180 -18.08 -6.44 4.12
C LYS A 180 -18.03 -5.73 2.78
N SER A 181 -17.63 -4.47 2.76
CA SER A 181 -17.49 -3.71 1.53
C SER A 181 -16.06 -3.67 1.00
N ASP A 182 -15.07 -3.88 1.86
CA ASP A 182 -13.67 -3.94 1.46
C ASP A 182 -13.26 -5.40 1.37
N ARG A 183 -13.54 -6.00 0.21
CA ARG A 183 -13.29 -7.43 -0.01
C ARG A 183 -11.99 -7.69 -0.74
N THR A 184 -11.26 -6.66 -1.14
CA THR A 184 -9.99 -6.80 -1.86
C THR A 184 -8.88 -6.31 -0.93
N PHE A 185 -8.46 -7.20 -0.03
CA PHE A 185 -7.38 -6.94 0.91
C PHE A 185 -6.30 -8.00 0.76
N GLY A 186 -5.08 -7.63 1.10
CA GLY A 186 -4.00 -8.60 1.14
C GLY A 186 -4.09 -9.48 2.37
N PHE A 187 -3.76 -10.76 2.19
CA PHE A 187 -3.66 -11.69 3.31
C PHE A 187 -2.40 -12.54 3.12
N VAL A 188 -1.67 -12.74 4.21
CA VAL A 188 -0.40 -13.45 4.19
C VAL A 188 -0.54 -14.73 4.99
N TYR A 189 -0.26 -15.85 4.35
CA TYR A 189 -0.23 -17.16 5.00
C TYR A 189 1.16 -17.75 4.82
N ILE A 190 1.84 -18.03 5.93
CA ILE A 190 3.19 -18.59 5.91
C ILE A 190 3.19 -19.89 6.71
N VAL A 191 3.70 -20.96 6.10
CA VAL A 191 3.70 -22.28 6.71
C VAL A 191 5.02 -22.96 6.39
N ASN A 192 5.62 -23.59 7.41
CA ASN A 192 6.84 -24.39 7.27
C ASN A 192 7.98 -23.59 6.63
N SER A 193 8.23 -22.39 7.17
CA SER A 193 9.23 -21.51 6.59
C SER A 193 10.19 -21.00 7.67
N LEU A 194 11.37 -20.60 7.21
CA LEU A 194 12.41 -20.03 8.06
C LEU A 194 12.51 -18.53 7.79
N ILE A 195 12.26 -17.74 8.83
CA ILE A 195 12.25 -16.29 8.74
C ILE A 195 13.43 -15.76 9.54
N GLN A 196 14.46 -15.25 8.87
CA GLN A 196 15.65 -14.81 9.56
C GLN A 196 16.31 -13.65 8.81
N ASN A 197 17.03 -12.82 9.56
CA ASN A 197 17.80 -11.70 9.01
C ASN A 197 16.91 -10.74 8.23
N ASN A 198 15.83 -10.33 8.85
CA ASN A 198 14.95 -9.30 8.31
C ASN A 198 14.84 -8.17 9.31
N LYS A 199 14.82 -6.93 8.80
CA LYS A 199 14.82 -5.75 9.65
C LYS A 199 13.89 -4.68 9.10
N ALA A 200 13.21 -3.98 10.01
CA ALA A 200 12.43 -2.81 9.64
C ALA A 200 12.33 -1.90 10.85
N ALA A 201 11.98 -0.64 10.61
CA ALA A 201 11.69 0.27 11.71
C ALA A 201 10.39 -0.13 12.40
N GLN A 202 9.40 -0.59 11.62
CA GLN A 202 8.16 -1.10 12.16
C GLN A 202 7.74 -2.29 11.30
N GLY A 203 7.18 -3.31 11.94
CA GLY A 203 6.87 -4.54 11.24
C GLY A 203 8.14 -5.19 10.70
N GLY A 204 9.03 -5.58 11.61
CA GLY A 204 10.31 -6.12 11.19
C GLY A 204 10.21 -7.28 10.22
N VAL A 205 9.15 -8.08 10.35
CA VAL A 205 8.85 -9.15 9.40
C VAL A 205 7.67 -8.78 8.52
N ILE A 206 6.50 -8.57 9.12
CA ILE A 206 5.31 -8.17 8.40
C ILE A 206 4.80 -6.87 8.97
N TYR A 207 4.55 -5.89 8.10
CA TYR A 207 3.77 -4.71 8.44
C TYR A 207 2.45 -4.83 7.70
N SER A 208 1.37 -5.05 8.45
CA SER A 208 0.05 -5.18 7.88
C SER A 208 -0.84 -4.05 8.39
N GLU A 209 -1.69 -3.51 7.52
CA GLU A 209 -2.56 -2.41 7.93
C GLU A 209 -3.66 -2.88 8.88
N GLN A 210 -4.03 -4.15 8.82
CA GLN A 210 -4.93 -4.78 9.75
C GLN A 210 -4.41 -6.17 10.06
N PRO A 211 -4.85 -6.79 11.17
CA PRO A 211 -4.40 -8.16 11.46
C PRO A 211 -4.84 -9.14 10.38
N LEU A 212 -4.05 -9.27 9.33
CA LEU A 212 -4.41 -10.07 8.17
C LEU A 212 -3.26 -10.99 7.77
N PHE A 213 -2.79 -11.78 8.74
CA PHE A 213 -1.71 -12.73 8.48
C PHE A 213 -1.89 -13.93 9.40
N LEU A 214 -1.35 -15.07 8.94
CA LEU A 214 -1.34 -16.30 9.73
C LEU A 214 0.00 -16.98 9.51
N ILE A 215 0.75 -17.17 10.59
CA ILE A 215 2.07 -17.79 10.55
C ILE A 215 1.99 -19.09 11.33
N THR A 216 2.29 -20.21 10.67
CA THR A 216 2.23 -21.50 11.33
C THR A 216 3.42 -22.36 10.93
N GLN A 217 3.81 -23.24 11.84
CA GLN A 217 4.83 -24.27 11.59
C GLN A 217 6.15 -23.66 11.10
N SER A 218 6.51 -22.51 11.64
CA SER A 218 7.65 -21.76 11.12
C SER A 218 8.66 -21.46 12.22
N VAL A 219 9.87 -21.09 11.79
CA VAL A 219 10.93 -20.64 12.68
C VAL A 219 11.19 -19.18 12.40
N ILE A 220 11.17 -18.37 13.46
CA ILE A 220 11.37 -16.93 13.40
C ILE A 220 12.55 -16.59 14.31
N ARG A 221 13.69 -16.27 13.70
CA ARG A 221 14.93 -16.07 14.45
C ARG A 221 15.76 -14.94 13.84
N ASP A 222 16.49 -14.24 14.69
CA ASP A 222 17.49 -13.24 14.27
C ASP A 222 16.87 -12.14 13.40
N ASN A 223 15.61 -11.80 13.64
CA ASN A 223 15.00 -10.65 13.00
C ASN A 223 15.01 -9.46 13.97
N GLU A 224 14.77 -8.27 13.42
CA GLU A 224 14.83 -7.06 14.22
C GLU A 224 13.76 -6.08 13.77
N VAL A 225 13.13 -5.42 14.74
CA VAL A 225 12.35 -4.20 14.52
C VAL A 225 12.99 -3.12 15.38
N SER A 226 13.50 -2.07 14.74
CA SER A 226 14.38 -1.14 15.44
C SER A 226 13.61 -0.23 16.39
N ASN A 227 12.35 0.05 16.10
CA ASN A 227 11.49 0.70 17.09
C ASN A 227 11.23 -0.31 18.21
N THR A 228 11.78 -0.04 19.40
CA THR A 228 11.67 -0.99 20.50
C THR A 228 10.24 -1.10 21.03
N SER A 229 9.35 -0.20 20.63
CA SER A 229 7.94 -0.36 20.93
C SER A 229 7.17 -1.02 19.79
N GLY A 230 7.81 -1.24 18.65
CA GLY A 230 7.16 -1.86 17.51
C GLY A 230 7.10 -3.37 17.64
N SER A 231 6.81 -4.02 16.50
CA SER A 231 6.64 -5.47 16.47
C SER A 231 7.20 -6.04 15.18
N LEU A 232 7.59 -7.31 15.25
CA LEU A 232 7.97 -8.04 14.03
C LEU A 232 6.75 -8.28 13.14
N PHE A 233 5.64 -8.69 13.74
CA PHE A 233 4.37 -8.90 13.05
C PHE A 233 3.42 -7.83 13.55
N PHE A 234 3.42 -6.69 12.86
CA PHE A 234 2.75 -5.49 13.34
C PHE A 234 1.45 -5.26 12.58
N SER A 235 0.38 -4.97 13.32
CA SER A 235 -0.90 -4.56 12.77
C SER A 235 -1.09 -3.08 13.06
N GLN A 236 -1.23 -2.28 12.00
CA GLN A 236 -1.32 -0.84 12.16
C GLN A 236 -2.64 -0.43 12.82
N ASP A 237 -3.75 -1.01 12.36
CA ASP A 237 -5.07 -0.65 12.84
C ASP A 237 -5.82 -1.88 13.30
N SER A 238 -6.80 -1.65 14.16
CA SER A 238 -7.69 -2.71 14.64
C SER A 238 -8.86 -2.89 13.67
N PHE A 239 -9.57 -3.99 13.83
CA PHE A 239 -10.77 -4.22 13.04
C PHE A 239 -11.89 -3.29 13.50
N ASP A 240 -12.89 -3.13 12.64
CA ASP A 240 -13.99 -2.19 12.87
C ASP A 240 -15.04 -2.74 13.85
N ASP A 241 -14.61 -3.47 14.87
CA ASP A 241 -15.43 -3.83 16.02
C ASP A 241 -16.51 -4.86 15.68
N GLU A 242 -16.92 -5.64 16.68
CA GLU A 242 -18.06 -6.54 16.60
C GLU A 242 -17.85 -7.70 15.63
N SER A 243 -16.71 -7.72 14.95
CA SER A 243 -16.34 -8.85 14.09
C SER A 243 -15.26 -9.73 14.70
N THR A 244 -14.53 -9.23 15.70
CA THR A 244 -13.38 -9.93 16.24
C THR A 244 -13.78 -11.15 17.08
N GLY A 245 -15.00 -11.16 17.63
CA GLY A 245 -15.43 -12.31 18.42
C GLY A 245 -15.54 -13.58 17.60
N GLU A 246 -15.75 -13.45 16.29
CA GLU A 246 -15.80 -14.61 15.41
C GLU A 246 -14.42 -14.98 14.88
N TYR A 247 -13.53 -14.01 14.68
CA TYR A 247 -12.21 -14.31 14.15
C TYR A 247 -11.39 -15.15 15.12
N VAL A 248 -11.50 -14.88 16.42
CA VAL A 248 -10.62 -15.54 17.39
C VAL A 248 -10.99 -17.01 17.52
N VAL A 249 -12.28 -17.32 17.64
CA VAL A 249 -12.69 -18.72 17.73
C VAL A 249 -12.39 -19.46 16.43
N GLN A 250 -12.28 -18.74 15.32
CA GLN A 250 -11.95 -19.34 14.04
C GLN A 250 -10.46 -19.60 13.89
N ARG A 251 -9.63 -18.83 14.61
CA ARG A 251 -8.18 -18.98 14.57
C ARG A 251 -7.63 -18.81 13.15
N ALA A 252 -7.99 -17.69 12.55
CA ALA A 252 -7.58 -17.38 11.18
C ALA A 252 -6.42 -16.40 11.12
N ILE A 253 -6.11 -15.72 12.22
CA ILE A 253 -5.13 -14.63 12.23
C ILE A 253 -4.25 -14.78 13.46
N GLY A 254 -2.94 -14.89 13.26
CA GLY A 254 -2.03 -14.88 14.39
C GLY A 254 -0.83 -15.78 14.13
N LEU A 255 -0.40 -16.46 15.20
CA LEU A 255 0.80 -17.31 15.19
C LEU A 255 0.47 -18.64 15.85
N SER A 256 0.96 -19.73 15.25
CA SER A 256 0.72 -21.05 15.81
C SER A 256 1.84 -22.01 15.41
N ASN A 257 2.13 -22.95 16.30
CA ASN A 257 3.08 -24.03 16.04
C ASN A 257 4.42 -23.50 15.53
N SER A 258 4.93 -22.47 16.19
CA SER A 258 6.13 -21.80 15.70
C SER A 258 7.11 -21.56 16.82
N THR A 259 8.40 -21.61 16.47
CA THR A 259 9.49 -21.37 17.39
C THR A 259 10.06 -19.98 17.11
N VAL A 260 10.09 -19.14 18.14
CA VAL A 260 10.45 -17.74 18.02
C VAL A 260 11.53 -17.44 19.05
N PHE A 261 12.75 -17.18 18.59
CA PHE A 261 13.86 -16.96 19.51
C PHE A 261 14.92 -16.07 18.87
N HIS A 262 15.67 -15.37 19.72
CA HIS A 262 16.82 -14.56 19.33
C HIS A 262 16.44 -13.40 18.41
N ASN A 263 15.24 -12.85 18.58
CA ASN A 263 14.85 -11.66 17.85
C ASN A 263 15.17 -10.41 18.66
N LYS A 264 15.29 -9.29 17.97
CA LYS A 264 15.90 -8.10 18.55
C LYS A 264 14.99 -6.89 18.43
N GLY A 265 15.12 -5.99 19.39
CA GLY A 265 14.46 -4.68 19.34
C GLY A 265 13.10 -4.71 20.04
N GLY A 266 12.03 -4.61 19.25
CA GLY A 266 10.68 -4.56 19.76
C GLY A 266 10.07 -5.92 19.97
N PHE A 267 8.74 -5.95 20.01
CA PHE A 267 7.99 -7.15 20.34
C PHE A 267 7.87 -8.08 19.14
N ILE A 268 7.44 -9.32 19.41
CA ILE A 268 7.19 -10.27 18.34
C ILE A 268 5.95 -9.85 17.55
N THR A 269 4.88 -9.51 18.26
CA THR A 269 3.63 -9.10 17.62
C THR A 269 2.83 -8.29 18.62
N ASN A 270 1.96 -7.44 18.10
CA ASN A 270 1.01 -6.69 18.93
C ASN A 270 -0.34 -7.38 18.79
N VAL A 271 -0.80 -7.98 19.90
CA VAL A 271 -1.99 -8.84 19.90
C VAL A 271 -3.22 -7.94 19.98
N ARG A 272 -3.90 -7.77 18.85
CA ARG A 272 -5.16 -7.04 18.79
C ARG A 272 -6.32 -8.01 18.83
N ASP A 273 -7.53 -7.46 19.00
CA ASP A 273 -8.73 -8.27 18.94
C ASP A 273 -8.85 -8.97 17.60
N GLY A 274 -9.31 -10.22 17.63
CA GLY A 274 -9.40 -11.05 16.45
C GLY A 274 -8.23 -11.99 16.24
N MET A 275 -7.11 -11.77 16.95
CA MET A 275 -5.91 -12.56 16.77
C MET A 275 -5.84 -13.69 17.80
N PHE A 276 -5.04 -14.70 17.49
CA PHE A 276 -4.82 -15.81 18.41
C PHE A 276 -3.35 -16.21 18.38
N VAL A 277 -2.89 -16.77 19.50
CA VAL A 277 -1.57 -17.37 19.60
C VAL A 277 -1.74 -18.73 20.26
N ASN A 278 -1.23 -19.79 19.62
CA ASN A 278 -1.47 -21.14 20.09
C ASN A 278 -0.25 -22.00 19.80
N ASN A 279 0.27 -22.66 20.83
CA ASN A 279 1.35 -23.64 20.69
C ASN A 279 2.59 -23.05 20.02
N ILE A 280 3.06 -21.93 20.55
CA ILE A 280 4.32 -21.36 20.10
C ILE A 280 5.35 -21.46 21.22
N THR A 281 6.62 -21.53 20.84
CA THR A 281 7.74 -21.49 21.76
C THR A 281 8.45 -20.15 21.56
N MET A 282 8.25 -19.23 22.50
CA MET A 282 8.72 -17.86 22.41
C MET A 282 9.67 -17.60 23.58
N ILE A 283 10.96 -17.83 23.35
CA ILE A 283 11.97 -17.77 24.40
C ILE A 283 13.20 -17.04 23.88
N LYS A 284 13.96 -16.45 24.80
CA LYS A 284 15.26 -15.85 24.50
C LYS A 284 15.15 -14.77 23.42
N ASN A 285 14.09 -13.97 23.49
CA ASN A 285 13.93 -12.78 22.67
C ASN A 285 14.11 -11.54 23.53
N ASP A 286 14.31 -10.40 22.86
CA ASP A 286 14.32 -9.13 23.57
C ASP A 286 12.93 -8.84 24.16
N LYS A 287 11.89 -8.93 23.33
CA LYS A 287 10.53 -8.65 23.78
C LYS A 287 9.58 -9.66 23.17
N GLY A 288 8.57 -10.03 23.94
CA GLY A 288 7.63 -11.05 23.52
C GLY A 288 6.35 -10.52 22.91
N LEU A 289 5.26 -10.52 23.68
CA LEU A 289 3.94 -10.15 23.19
C LEU A 289 3.54 -8.79 23.75
N PHE A 290 3.07 -7.90 22.87
CA PHE A 290 2.46 -6.65 23.29
C PHE A 290 0.95 -6.81 23.19
N LEU A 291 0.26 -6.62 24.30
CA LEU A 291 -1.15 -6.94 24.43
C LEU A 291 -1.99 -5.67 24.31
N GLU A 292 -2.83 -5.61 23.29
CA GLU A 292 -3.78 -4.53 23.12
C GLU A 292 -5.05 -5.07 22.45
N ALA A 293 -5.71 -6.00 23.12
CA ALA A 293 -7.01 -6.52 22.69
C ALA A 293 -8.08 -6.09 23.69
N PRO A 294 -8.57 -4.85 23.58
CA PRO A 294 -9.43 -4.31 24.66
C PRO A 294 -10.77 -5.01 24.78
N GLN A 295 -11.29 -5.63 23.73
CA GLN A 295 -12.58 -6.30 23.82
C GLN A 295 -12.49 -7.68 24.44
N GLY A 296 -11.29 -8.24 24.57
CA GLY A 296 -11.15 -9.60 25.04
C GLY A 296 -11.35 -10.65 23.97
N ASN A 297 -11.28 -10.27 22.70
CA ASN A 297 -11.45 -11.18 21.57
C ASN A 297 -10.12 -11.64 21.00
N ALA A 298 -9.15 -11.88 21.87
CA ALA A 298 -7.88 -12.50 21.49
C ALA A 298 -7.60 -13.65 22.44
N SER A 299 -6.85 -14.63 21.96
CA SER A 299 -6.59 -15.85 22.71
C SER A 299 -5.13 -16.22 22.60
N ILE A 300 -4.49 -16.42 23.75
CA ILE A 300 -3.10 -16.88 23.83
C ILE A 300 -3.09 -18.15 24.66
N SER A 301 -2.72 -19.26 24.04
CA SER A 301 -2.86 -20.55 24.73
C SER A 301 -1.74 -21.51 24.32
N ASN A 302 -1.47 -22.46 25.22
CA ASN A 302 -0.64 -23.63 24.92
C ASN A 302 0.78 -23.27 24.51
N SER A 303 1.28 -22.14 24.98
CA SER A 303 2.57 -21.63 24.54
C SER A 303 3.55 -21.54 25.70
N ILE A 304 4.83 -21.54 25.35
CA ILE A 304 5.91 -21.31 26.30
C ILE A 304 6.31 -19.84 26.15
N LEU A 305 6.02 -19.04 27.18
CA LEU A 305 6.19 -17.59 27.09
C LEU A 305 7.12 -17.07 28.17
N VAL A 306 8.34 -17.59 28.24
CA VAL A 306 9.29 -17.26 29.30
C VAL A 306 10.67 -17.09 28.69
N GLY A 307 11.60 -16.62 29.51
CA GLY A 307 12.99 -16.49 29.09
C GLY A 307 13.28 -15.33 28.18
N ASN A 308 12.37 -14.37 28.08
CA ASN A 308 12.58 -13.16 27.30
C ASN A 308 12.82 -11.99 28.25
N THR A 309 13.56 -10.97 27.77
CA THR A 309 13.81 -9.80 28.61
C THR A 309 12.49 -9.18 29.06
N ILE A 310 11.54 -9.05 28.14
CA ILE A 310 10.16 -8.71 28.46
C ILE A 310 9.29 -9.76 27.82
N ASN A 311 8.55 -10.51 28.65
CA ASN A 311 7.71 -11.59 28.15
C ASN A 311 6.40 -11.06 27.58
N CYS A 312 5.64 -10.35 28.42
CA CYS A 312 4.41 -9.68 27.99
C CYS A 312 4.41 -8.24 28.50
N GLN A 313 3.75 -7.36 27.74
CA GLN A 313 3.51 -5.99 28.16
C GLN A 313 2.21 -5.54 27.53
N ALA A 314 1.35 -4.92 28.33
CA ALA A 314 0.01 -4.55 27.88
C ALA A 314 -0.10 -3.05 27.65
N ASN A 315 -0.95 -2.68 26.70
CA ASN A 315 -1.29 -1.27 26.47
C ASN A 315 -2.27 -0.82 27.54
N SER A 316 -2.89 0.35 27.34
CA SER A 316 -3.73 0.92 28.39
C SER A 316 -5.02 0.13 28.59
N THR A 317 -5.59 -0.40 27.52
CA THR A 317 -6.81 -1.21 27.60
C THR A 317 -6.57 -2.53 26.89
N ASP A 318 -6.68 -3.63 27.63
CA ASP A 318 -6.43 -4.95 27.07
C ASP A 318 -7.11 -6.00 27.93
N LYS A 319 -7.71 -6.99 27.27
CA LYS A 319 -8.35 -8.11 27.95
C LYS A 319 -8.07 -9.43 27.24
N ALA A 320 -6.91 -9.54 26.59
CA ALA A 320 -6.54 -10.77 25.90
C ALA A 320 -6.57 -11.96 26.86
N ILE A 321 -7.23 -13.04 26.45
CA ILE A 321 -7.37 -14.21 27.29
C ILE A 321 -6.09 -15.04 27.19
N ILE A 322 -5.36 -15.13 28.29
CA ILE A 322 -4.10 -15.88 28.36
C ILE A 322 -4.35 -17.09 29.25
N GLN A 323 -4.34 -18.28 28.66
CA GLN A 323 -4.67 -19.48 29.43
C GLN A 323 -3.86 -20.67 28.93
N SER A 324 -3.54 -21.56 29.87
CA SER A 324 -2.84 -22.81 29.57
C SER A 324 -1.46 -22.56 28.94
N ASN A 325 -0.76 -21.54 29.43
CA ASN A 325 0.59 -21.25 28.97
C ASN A 325 1.59 -21.39 30.12
N LEU A 326 2.83 -21.68 29.77
CA LEU A 326 3.93 -21.59 30.71
C LEU A 326 4.40 -20.14 30.76
N VAL A 327 4.13 -19.47 31.89
CA VAL A 327 4.32 -18.03 31.99
C VAL A 327 4.95 -17.67 33.34
N THR A 328 5.50 -16.46 33.39
CA THR A 328 5.80 -15.81 34.64
C THR A 328 4.62 -14.91 35.00
N THR A 329 4.75 -14.17 36.11
CA THR A 329 3.67 -13.29 36.54
C THR A 329 3.37 -12.22 35.48
N GLU A 330 4.36 -11.89 34.66
CA GLU A 330 4.19 -10.86 33.64
C GLU A 330 3.07 -11.21 32.66
N CYS A 331 2.97 -12.48 32.27
CA CYS A 331 1.98 -12.91 31.30
C CYS A 331 0.76 -13.58 31.92
N ASN A 332 0.66 -13.62 33.24
CA ASN A 332 -0.48 -14.28 33.91
C ASN A 332 -1.66 -13.32 34.05
N ARG A 333 -2.18 -12.90 32.90
CA ARG A 333 -3.24 -11.91 32.83
C ARG A 333 -4.52 -12.53 32.30
N ASN A 334 -5.65 -12.14 32.90
CA ASN A 334 -6.98 -12.50 32.41
C ASN A 334 -7.16 -14.01 32.26
N ALA A 335 -6.55 -14.78 33.16
CA ALA A 335 -6.67 -16.23 33.12
C ALA A 335 -7.95 -16.68 33.82
N SER A 336 -8.57 -17.71 33.28
CA SER A 336 -9.78 -18.26 33.87
C SER A 336 -9.42 -19.30 34.92
N VAL A 337 -10.39 -19.59 35.79
CA VAL A 337 -10.17 -20.60 36.82
C VAL A 337 -10.25 -22.01 36.25
N LYS A 338 -10.93 -22.20 35.11
CA LYS A 338 -11.03 -23.53 34.52
C LYS A 338 -9.83 -23.86 33.64
N VAL A 339 -9.23 -22.86 32.99
CA VAL A 339 -8.05 -23.07 32.17
C VAL A 339 -6.93 -22.17 32.67
N PRO A 340 -6.29 -22.50 33.79
CA PRO A 340 -5.23 -21.63 34.31
C PRO A 340 -3.94 -21.78 33.52
N ASN A 341 -3.05 -20.80 33.70
CA ASN A 341 -1.71 -20.92 33.17
C ASN A 341 -0.86 -21.79 34.07
N ILE A 342 0.27 -22.26 33.53
CA ILE A 342 1.28 -22.97 34.31
C ILE A 342 2.35 -21.96 34.68
N LEU A 343 2.57 -21.76 35.97
CA LEU A 343 3.51 -20.75 36.43
C LEU A 343 4.93 -21.29 36.39
N TYR A 344 5.86 -20.44 35.97
CA TYR A 344 7.26 -20.82 35.79
C TYR A 344 8.01 -20.64 37.12
N PRO A 345 8.46 -21.72 37.76
CA PRO A 345 9.13 -21.57 39.06
C PRO A 345 10.46 -20.83 38.92
N ALA A 346 10.85 -20.18 40.03
CA ALA A 346 12.07 -19.37 40.01
C ALA A 346 13.31 -20.23 39.77
N ASN A 347 13.41 -21.37 40.46
CA ASN A 347 14.57 -22.26 40.39
C ASN A 347 14.55 -23.16 39.16
N GLN A 348 13.93 -22.75 38.07
CA GLN A 348 13.74 -23.62 36.91
C GLN A 348 14.70 -23.25 35.79
N LYS A 349 15.44 -24.24 35.30
CA LYS A 349 16.32 -24.06 34.16
C LYS A 349 15.54 -24.33 32.88
N LEU A 350 15.59 -23.38 31.95
CA LEU A 350 14.78 -23.49 30.74
C LEU A 350 15.39 -24.46 29.73
N ILE A 351 16.68 -24.34 29.47
CA ILE A 351 17.36 -25.12 28.44
C ILE A 351 18.46 -25.95 29.09
N ALA A 352 18.59 -27.21 28.66
CA ALA A 352 19.65 -28.08 29.16
C ALA A 352 21.00 -27.62 28.62
N GLY A 353 22.01 -27.62 29.49
CA GLY A 353 23.32 -27.17 29.08
C GLY A 353 23.44 -25.66 29.16
N SER A 354 24.47 -25.13 28.50
CA SER A 354 24.77 -23.71 28.56
C SER A 354 24.56 -22.99 27.24
N THR A 355 24.27 -23.69 26.16
CA THR A 355 24.04 -23.06 24.86
C THR A 355 22.55 -23.02 24.55
N ASP A 356 22.11 -21.89 23.99
CA ASP A 356 20.73 -21.80 23.50
C ASP A 356 20.52 -22.76 22.33
N GLU A 357 21.56 -23.03 21.56
CA GLU A 357 21.46 -23.82 20.34
C GLU A 357 22.67 -24.74 20.24
N GLY A 358 22.42 -26.01 19.97
CA GLY A 358 23.49 -26.98 19.86
C GLY A 358 22.99 -28.37 20.19
N VAL A 359 23.94 -29.28 20.36
CA VAL A 359 23.61 -30.66 20.70
C VAL A 359 23.07 -30.73 22.12
N CYS A 360 22.10 -31.61 22.34
CA CYS A 360 21.46 -31.75 23.64
C CYS A 360 22.14 -32.85 24.44
N ASP A 361 22.33 -32.58 25.74
CA ASP A 361 22.93 -33.55 26.66
C ASP A 361 21.79 -34.35 27.30
N VAL A 362 21.59 -35.58 26.83
CA VAL A 362 20.55 -36.43 27.40
C VAL A 362 20.80 -36.71 28.87
N ALA A 363 22.07 -36.76 29.27
CA ALA A 363 22.46 -36.97 30.66
C ALA A 363 22.44 -35.68 31.48
N SER A 364 21.49 -34.78 31.22
CA SER A 364 21.33 -33.55 31.96
C SER A 364 20.09 -33.67 32.83
N LYS A 365 20.24 -33.49 34.14
CA LYS A 365 19.15 -33.70 35.07
C LYS A 365 18.16 -32.55 35.10
N ASP A 366 18.53 -31.38 34.59
CA ASP A 366 17.67 -30.21 34.61
C ASP A 366 17.59 -29.63 33.21
N GLY A 367 16.71 -28.65 33.04
CA GLY A 367 16.46 -28.08 31.73
C GLY A 367 15.19 -28.62 31.10
N LEU A 368 14.17 -27.77 31.00
CA LEU A 368 12.90 -28.20 30.42
C LEU A 368 13.04 -28.54 28.94
N LEU A 369 13.90 -27.83 28.22
CA LEU A 369 14.00 -27.97 26.77
C LEU A 369 15.43 -28.33 26.37
N CYS A 370 15.54 -29.11 25.30
CA CYS A 370 16.83 -29.25 24.64
C CYS A 370 17.18 -27.94 23.93
N PRO A 371 18.47 -27.66 23.74
CA PRO A 371 18.86 -26.52 22.91
C PRO A 371 18.30 -26.66 21.50
N PHE A 372 18.24 -25.53 20.80
CA PHE A 372 17.72 -25.52 19.44
C PHE A 372 18.57 -26.41 18.54
N ASN A 373 17.91 -27.24 17.74
CA ASN A 373 18.62 -28.16 16.86
C ASN A 373 17.73 -28.50 15.66
N THR A 374 18.35 -28.66 14.50
CA THR A 374 17.65 -29.05 13.29
C THR A 374 17.99 -30.50 12.96
N PRO A 375 17.08 -31.45 13.20
CA PRO A 375 17.35 -32.84 12.81
C PRO A 375 17.58 -32.97 11.31
N LYS A 376 18.31 -34.03 10.94
CA LYS A 376 18.73 -34.21 9.56
C LYS A 376 17.57 -34.53 8.62
N ASP A 377 16.43 -34.95 9.16
CA ASP A 377 15.25 -35.27 8.36
C ASP A 377 14.20 -34.17 8.41
N SER A 378 14.60 -32.95 8.76
CA SER A 378 13.66 -31.87 8.95
C SER A 378 14.21 -30.59 8.34
N PHE A 379 13.32 -29.79 7.75
CA PHE A 379 13.71 -28.50 7.21
C PHE A 379 14.01 -27.51 8.34
N LEU A 380 13.11 -27.40 9.31
CA LEU A 380 13.21 -26.42 10.38
C LEU A 380 13.60 -27.09 11.70
N GLY A 381 14.31 -26.32 12.53
CA GLY A 381 14.69 -26.78 13.85
C GLY A 381 13.73 -26.29 14.92
N PHE A 382 14.02 -26.67 16.17
CA PHE A 382 13.08 -26.45 17.27
C PHE A 382 13.75 -26.78 18.60
N PHE A 383 13.07 -26.39 19.68
CA PHE A 383 13.46 -26.75 21.05
C PHE A 383 12.60 -27.94 21.48
N LYS A 384 13.19 -29.13 21.54
CA LYS A 384 12.41 -30.32 21.87
C LYS A 384 12.21 -30.41 23.38
N PRO A 385 10.98 -30.65 23.84
CA PRO A 385 10.76 -30.82 25.28
C PRO A 385 11.50 -32.05 25.79
N ARG A 386 11.93 -31.98 27.04
CA ARG A 386 12.68 -33.06 27.67
C ARG A 386 11.81 -33.78 28.68
N LEU A 387 11.77 -35.11 28.58
CA LEU A 387 11.09 -35.96 29.54
C LEU A 387 12.13 -36.38 30.57
N LEU A 388 12.23 -35.60 31.65
CA LEU A 388 13.29 -35.76 32.63
C LEU A 388 13.05 -36.97 33.53
N GLU A 389 14.15 -37.49 34.09
CA GLU A 389 14.06 -38.57 35.05
C GLU A 389 13.53 -38.09 36.40
N SER A 390 13.62 -36.79 36.69
CA SER A 390 13.01 -36.24 37.89
C SER A 390 11.50 -36.21 37.83
N TYR A 391 10.90 -36.63 36.73
CA TYR A 391 9.45 -36.69 36.57
C TYR A 391 9.01 -38.10 36.89
N ASN A 392 8.51 -38.31 38.11
CA ASN A 392 7.90 -39.59 38.45
C ASN A 392 6.70 -39.87 37.57
N THR A 393 5.86 -38.86 37.35
CA THR A 393 4.74 -38.91 36.43
C THR A 393 4.83 -37.72 35.49
N LEU A 394 3.95 -37.70 34.48
CA LEU A 394 3.92 -36.57 33.56
C LEU A 394 3.38 -35.31 34.23
N ALA A 395 2.68 -35.44 35.35
CA ALA A 395 2.19 -34.26 36.06
C ALA A 395 3.32 -33.39 36.59
N ASP A 396 4.51 -33.97 36.81
CA ASP A 396 5.65 -33.19 37.27
C ASP A 396 6.23 -32.28 36.20
N SER A 397 6.01 -32.60 34.94
CA SER A 397 6.52 -31.78 33.85
C SER A 397 5.75 -30.46 33.77
N LEU A 398 6.48 -29.38 33.51
CA LEU A 398 5.84 -28.09 33.28
C LEU A 398 5.32 -27.91 31.87
N ILE A 399 5.60 -28.87 30.97
CA ILE A 399 5.31 -28.69 29.55
C ILE A 399 4.49 -29.85 29.01
N ILE A 400 4.91 -31.07 29.30
CA ILE A 400 4.34 -32.26 28.67
C ILE A 400 2.98 -32.56 29.28
N ASN A 401 1.97 -32.75 28.42
CA ASN A 401 0.62 -33.13 28.82
C ASN A 401 -0.04 -32.10 29.72
N LYS A 402 0.28 -30.82 29.51
CA LYS A 402 -0.32 -29.73 30.27
C LYS A 402 -1.40 -28.99 29.50
N GLY A 403 -1.56 -29.28 28.20
CA GLY A 403 -2.63 -28.72 27.41
C GLY A 403 -3.73 -29.74 27.17
N ARG A 404 -4.83 -29.26 26.62
CA ARG A 404 -5.99 -30.10 26.32
C ARG A 404 -6.25 -30.06 24.82
N LEU A 405 -6.45 -31.22 24.23
CA LEU A 405 -6.75 -31.37 22.81
C LEU A 405 -8.19 -31.87 22.70
N TYR A 406 -9.14 -30.93 22.76
CA TYR A 406 -10.55 -31.28 22.69
C TYR A 406 -10.95 -31.64 21.26
N SER A 411 -10.96 -27.18 17.47
CA SER A 411 -11.82 -26.00 17.49
C SER A 411 -12.88 -26.12 18.59
N VAL A 412 -12.43 -26.30 19.83
CA VAL A 412 -13.32 -26.41 20.98
C VAL A 412 -12.73 -25.61 22.12
N GLY A 413 -13.50 -24.67 22.66
CA GLY A 413 -13.15 -23.96 23.87
C GLY A 413 -12.08 -22.89 23.73
N LEU A 414 -11.56 -22.68 22.52
CA LEU A 414 -10.56 -21.64 22.23
C LEU A 414 -9.24 -21.87 22.96
N ALA A 415 -9.15 -22.91 23.78
CA ALA A 415 -7.90 -23.26 24.47
C ALA A 415 -7.34 -24.59 23.99
N SER A 416 -7.96 -25.21 22.99
CA SER A 416 -7.50 -26.49 22.50
C SER A 416 -6.16 -26.35 21.77
N CYS A 417 -5.32 -27.38 21.92
CA CYS A 417 -4.06 -27.44 21.19
C CYS A 417 -4.30 -27.52 19.70
N GLU A 418 -3.24 -27.26 18.94
CA GLU A 418 -3.27 -27.49 17.51
C GLU A 418 -3.34 -28.98 17.21
N THR A 419 -3.87 -29.30 16.03
CA THR A 419 -3.94 -30.70 15.61
C THR A 419 -2.56 -31.27 15.32
N LEU A 420 -1.68 -30.45 14.75
CA LEU A 420 -0.31 -30.81 14.42
C LEU A 420 0.64 -30.02 15.32
N ASP A 421 1.93 -30.29 15.17
CA ASP A 421 2.96 -29.45 15.76
C ASP A 421 3.76 -28.78 14.64
N GLN A 422 4.88 -28.15 15.01
CA GLN A 422 5.65 -27.39 14.05
C GLN A 422 6.16 -28.27 12.91
N ARG A 423 6.51 -29.52 13.21
CA ARG A 423 7.04 -30.45 12.23
C ARG A 423 5.97 -31.00 11.30
N GLY A 424 4.70 -30.66 11.53
CA GLY A 424 3.61 -31.25 10.80
C GLY A 424 3.13 -32.59 11.33
N LYS A 425 3.76 -33.10 12.38
CA LYS A 425 3.34 -34.37 12.96
C LYS A 425 2.05 -34.18 13.74
N ARG A 426 1.17 -35.18 13.68
CA ARG A 426 -0.12 -35.09 14.34
C ARG A 426 0.05 -35.30 15.84
N ARG A 427 -0.55 -34.42 16.62
CA ARG A 427 -0.60 -34.60 18.07
C ARG A 427 -1.66 -35.66 18.39
N THR A 428 -1.22 -36.79 18.96
CA THR A 428 -2.09 -37.95 19.11
C THR A 428 -3.34 -37.60 19.91
N GLY A 429 -3.21 -36.75 20.92
CA GLY A 429 -4.35 -36.41 21.75
C GLY A 429 -4.80 -37.52 22.66
N TYR A 430 -3.90 -38.43 23.04
CA TYR A 430 -4.23 -39.46 24.01
C TYR A 430 -4.64 -38.82 25.33
N ASP A 431 -5.74 -39.30 25.89
CA ASP A 431 -6.34 -38.72 27.09
C ASP A 431 -6.70 -37.24 26.89
N GLU A 432 -6.82 -36.82 25.63
CA GLU A 432 -7.11 -35.43 25.27
C GLU A 432 -6.07 -34.48 25.84
N LEU A 433 -4.80 -34.89 25.79
CA LEU A 433 -3.69 -34.11 26.33
C LEU A 433 -2.67 -33.81 25.25
N CYS A 434 -1.93 -32.72 25.45
CA CYS A 434 -0.93 -32.27 24.49
C CYS A 434 0.12 -31.46 25.25
N ASP A 435 1.22 -31.17 24.55
CA ASP A 435 2.36 -30.51 25.17
C ASP A 435 2.40 -29.03 24.80
N LEU A 436 2.80 -28.20 25.76
CA LEU A 436 2.91 -26.77 25.54
C LEU A 436 4.07 -26.46 24.58
N GLY A 437 3.89 -25.42 23.78
CA GLY A 437 4.92 -25.00 22.85
C GLY A 437 4.71 -25.57 21.46
N ALA A 438 5.71 -25.34 20.61
CA ALA A 438 5.61 -25.66 19.20
C ALA A 438 5.81 -27.14 18.87
N ILE A 439 6.35 -27.92 19.80
CA ILE A 439 6.77 -29.29 19.54
C ILE A 439 6.06 -30.25 20.48
N GLU A 440 5.40 -31.25 19.92
CA GLU A 440 4.81 -32.34 20.70
C GLU A 440 5.85 -33.43 20.92
N TYR A 441 5.96 -33.90 22.16
CA TYR A 441 6.90 -34.96 22.49
C TYR A 441 6.36 -36.29 21.97
N ILE A 442 7.11 -36.94 21.08
CA ILE A 442 6.63 -38.15 20.42
C ILE A 442 7.63 -39.29 20.60
N GLY A 443 8.82 -39.14 20.03
CA GLY A 443 9.82 -40.19 20.15
C GLY A 443 10.52 -40.20 21.49
N LEU A 444 10.89 -41.40 21.94
CA LEU A 444 11.52 -41.61 23.24
C LEU A 444 12.98 -42.05 23.12
N ASN A 445 13.69 -41.51 22.13
CA ASN A 445 15.09 -41.91 21.95
C ASN A 445 15.96 -41.44 23.10
N ASP A 446 15.58 -40.35 23.78
CA ASP A 446 16.31 -39.92 24.96
C ASP A 446 16.32 -41.01 26.03
N ILE A 447 15.20 -41.73 26.15
CA ILE A 447 15.14 -42.83 27.12
C ILE A 447 15.97 -44.01 26.64
N PHE A 448 15.90 -44.32 25.34
CA PHE A 448 16.73 -45.39 24.79
C PHE A 448 18.22 -45.08 24.98
N GLU A 449 18.62 -43.85 24.67
CA GLU A 449 20.03 -43.47 24.77
C GLU A 449 20.52 -43.48 26.21
N ALA A 450 19.65 -43.11 27.16
CA ALA A 450 20.06 -43.10 28.57
C ALA A 450 20.37 -44.51 29.06
N GLN A 451 19.72 -45.53 28.49
CA GLN A 451 20.03 -46.90 28.87
C GLN A 451 21.36 -47.35 28.28
N LYS A 452 21.66 -46.90 27.05
CA LYS A 452 22.90 -47.32 26.39
C LYS A 452 24.10 -46.61 26.99
N ILE A 453 23.96 -45.32 27.33
CA ILE A 453 25.06 -44.59 27.93
C ILE A 453 25.38 -45.13 29.32
N GLU A 454 24.37 -45.60 30.04
CA GLU A 454 24.57 -46.16 31.36
C GLU A 454 25.57 -47.32 31.31
N TRP A 455 26.22 -47.56 32.45
CA TRP A 455 27.29 -48.56 32.57
C TRP A 455 28.44 -48.24 31.61
N ALA B 3 -10.66 17.49 -40.27
CA ALA B 3 -11.64 17.79 -39.22
C ALA B 3 -11.50 16.82 -38.05
N ASP B 4 -12.25 17.08 -36.99
CA ASP B 4 -12.21 16.26 -35.79
C ASP B 4 -13.29 15.18 -35.84
N ILE B 5 -13.20 14.23 -34.91
CA ILE B 5 -14.18 13.15 -34.80
C ILE B 5 -15.35 13.66 -33.97
N GLU B 6 -16.50 13.82 -34.62
CA GLU B 6 -17.71 14.33 -33.96
C GLU B 6 -18.55 13.15 -33.48
N VAL B 7 -18.77 13.08 -32.17
CA VAL B 7 -19.68 12.09 -31.61
C VAL B 7 -21.13 12.52 -31.90
N THR B 8 -21.92 11.61 -32.48
CA THR B 8 -23.25 11.94 -32.96
C THR B 8 -24.35 11.18 -32.22
N THR B 9 -24.04 10.62 -31.05
CA THR B 9 -25.06 10.07 -30.18
C THR B 9 -24.57 10.12 -28.74
N THR B 10 -25.51 10.23 -27.81
CA THR B 10 -25.18 10.32 -26.40
C THR B 10 -25.16 8.98 -25.68
N ILE B 11 -25.65 7.91 -26.32
CA ILE B 11 -25.71 6.61 -25.67
C ILE B 11 -24.38 5.89 -25.84
N ASP B 12 -24.21 4.80 -25.12
CA ASP B 12 -22.99 3.99 -25.18
C ASP B 12 -23.23 2.78 -26.07
N GLU B 13 -22.34 2.57 -27.03
CA GLU B 13 -22.49 1.44 -27.95
C GLU B 13 -21.17 1.22 -28.68
N ASP B 14 -21.01 0.01 -29.21
CA ASP B 14 -20.04 -0.28 -30.26
C ASP B 14 -20.80 -1.15 -31.26
N VAL B 15 -21.59 -0.49 -32.10
CA VAL B 15 -22.49 -1.15 -33.04
C VAL B 15 -22.31 -0.50 -34.41
N ASP B 16 -22.18 -1.34 -35.44
CA ASP B 16 -22.06 -0.86 -36.82
C ASP B 16 -23.41 -0.31 -37.25
N ASN B 17 -23.50 1.02 -37.32
CA ASN B 17 -24.76 1.66 -37.71
C ASN B 17 -24.44 3.08 -38.18
N THR B 18 -25.40 4.00 -38.04
CA THR B 18 -25.26 5.33 -38.61
C THR B 18 -24.81 6.38 -37.60
N VAL B 19 -24.68 6.03 -36.33
CA VAL B 19 -24.28 7.01 -35.30
C VAL B 19 -22.89 6.66 -34.80
N CYS B 20 -22.18 7.68 -34.33
CA CYS B 20 -20.81 7.56 -33.84
C CYS B 20 -20.81 7.84 -32.34
N SER B 21 -20.51 6.83 -31.53
CA SER B 21 -20.49 6.97 -30.09
C SER B 21 -19.08 7.30 -29.61
N LEU B 22 -19.02 7.77 -28.35
CA LEU B 22 -17.71 8.06 -27.74
C LEU B 22 -16.84 6.83 -27.69
N ARG B 23 -17.42 5.68 -27.35
CA ARG B 23 -16.66 4.43 -27.34
C ARG B 23 -16.15 4.09 -28.74
N GLU B 24 -16.99 4.25 -29.76
CA GLU B 24 -16.56 3.96 -31.12
C GLU B 24 -15.53 4.96 -31.61
N ALA B 25 -15.62 6.21 -31.15
CA ALA B 25 -14.61 7.20 -31.54
C ALA B 25 -13.25 6.85 -30.94
N VAL B 26 -13.22 6.34 -29.72
CA VAL B 26 -11.96 5.90 -29.13
C VAL B 26 -11.45 4.65 -29.85
N GLU B 27 -12.34 3.69 -30.13
CA GLU B 27 -11.93 2.48 -30.82
C GLU B 27 -11.35 2.78 -32.19
N LEU B 28 -11.94 3.76 -32.90
CA LEU B 28 -11.40 4.15 -34.20
C LEU B 28 -9.94 4.59 -34.07
N ILE B 29 -9.64 5.39 -33.05
CA ILE B 29 -8.27 5.85 -32.85
C ILE B 29 -7.38 4.71 -32.40
N ASN B 30 -7.88 3.84 -31.52
CA ASN B 30 -7.11 2.68 -31.09
C ASN B 30 -6.72 1.79 -32.28
N LYS B 31 -7.70 1.49 -33.13
CA LYS B 31 -7.46 0.55 -34.24
C LYS B 31 -6.56 1.16 -35.31
N ARG B 32 -6.68 2.47 -35.55
CA ARG B 32 -5.78 3.14 -36.48
C ARG B 32 -4.33 3.07 -36.02
N ASN B 33 -4.11 3.05 -34.71
CA ASN B 33 -2.78 3.01 -34.12
C ASN B 33 -2.24 1.60 -33.97
N SER B 34 -3.04 0.58 -34.29
CA SER B 34 -2.61 -0.80 -34.12
C SER B 34 -1.45 -1.14 -35.05
N SER B 35 -0.65 -2.11 -34.64
CA SER B 35 0.43 -2.63 -35.46
C SER B 35 -0.03 -3.71 -36.42
N ASP B 36 -1.24 -4.25 -36.23
CA ASP B 36 -1.79 -5.24 -37.15
C ASP B 36 -2.40 -4.51 -38.35
N SER B 37 -1.84 -4.75 -39.53
CA SER B 37 -2.30 -4.06 -40.74
C SER B 37 -3.73 -4.45 -41.12
N THR B 38 -4.22 -5.58 -40.63
CA THR B 38 -5.60 -5.95 -40.89
C THR B 38 -6.57 -5.15 -40.03
N VAL B 39 -6.23 -4.95 -38.75
CA VAL B 39 -7.05 -4.10 -37.88
C VAL B 39 -7.05 -2.67 -38.41
N VAL B 40 -5.89 -2.18 -38.86
CA VAL B 40 -5.81 -0.84 -39.44
C VAL B 40 -6.68 -0.74 -40.69
N ALA B 41 -6.67 -1.79 -41.52
CA ALA B 41 -7.47 -1.77 -42.73
C ALA B 41 -8.96 -1.83 -42.43
N SER B 42 -9.35 -2.46 -41.32
CA SER B 42 -10.75 -2.58 -40.98
C SER B 42 -11.39 -1.22 -40.70
N VAL B 43 -10.59 -0.21 -40.36
CA VAL B 43 -11.11 1.13 -40.09
C VAL B 43 -10.69 2.10 -41.20
N LYS B 44 -10.35 1.59 -42.38
CA LYS B 44 -9.96 2.45 -43.50
C LYS B 44 -11.05 3.45 -43.85
N ASP B 45 -12.30 3.00 -43.89
CA ASP B 45 -13.43 3.85 -44.22
C ASP B 45 -14.31 4.12 -43.00
N GLY B 46 -13.68 4.40 -41.86
CA GLY B 46 -14.40 4.66 -40.64
C GLY B 46 -14.59 3.42 -39.79
N TYR B 47 -15.26 3.61 -38.65
CA TYR B 47 -15.52 2.50 -37.74
C TYR B 47 -16.93 2.64 -37.16
N HIS B 48 -17.84 1.77 -37.62
CA HIS B 48 -19.14 1.55 -36.99
C HIS B 48 -19.98 2.82 -36.87
N GLY B 49 -19.78 3.76 -37.78
CA GLY B 49 -20.53 5.01 -37.80
C GLY B 49 -19.68 6.25 -37.62
N CYS B 50 -18.45 6.11 -37.15
CA CYS B 50 -17.52 7.23 -37.03
C CYS B 50 -16.75 7.33 -38.35
N GLY B 51 -17.00 8.40 -39.10
CA GLY B 51 -16.29 8.59 -40.35
C GLY B 51 -14.81 8.84 -40.12
N ASN B 52 -13.97 8.31 -41.02
CA ASN B 52 -12.52 8.38 -40.85
C ASN B 52 -11.88 8.49 -42.23
N LYS B 53 -11.95 9.67 -42.81
CA LYS B 53 -11.17 10.02 -43.99
C LYS B 53 -10.24 11.20 -43.75
N ASP B 54 -10.73 12.25 -43.09
CA ASP B 54 -9.90 13.36 -42.66
C ASP B 54 -9.96 13.55 -41.15
N ALA B 55 -10.48 12.58 -40.42
CA ALA B 55 -10.68 12.71 -38.99
C ALA B 55 -9.35 12.57 -38.24
N SER B 56 -9.06 13.53 -37.36
CA SER B 56 -7.82 13.53 -36.60
C SER B 56 -7.91 12.60 -35.40
N SER B 57 -7.18 12.92 -34.34
CA SER B 57 -7.27 12.18 -33.08
C SER B 57 -7.97 12.98 -32.00
N ASN B 58 -8.70 14.03 -32.38
CA ASN B 58 -9.46 14.85 -31.45
C ASN B 58 -10.92 14.42 -31.49
N ILE B 59 -11.43 13.96 -30.35
CA ILE B 59 -12.84 13.58 -30.21
C ILE B 59 -13.58 14.77 -29.64
N ILE B 60 -14.66 15.18 -30.32
CA ILE B 60 -15.42 16.37 -29.95
C ILE B 60 -16.78 15.95 -29.42
N LEU B 61 -17.15 16.48 -28.25
CA LEU B 61 -18.46 16.32 -27.68
C LEU B 61 -19.21 17.65 -27.74
N GLN B 62 -20.54 17.57 -27.82
CA GLN B 62 -21.34 18.78 -27.97
C GLN B 62 -21.56 19.48 -26.64
N ARG B 63 -21.62 20.80 -26.70
CA ARG B 63 -21.89 21.60 -25.51
C ARG B 63 -23.26 21.25 -24.94
N ASP B 64 -23.34 21.25 -23.61
CA ASP B 64 -24.57 21.05 -22.83
C ASP B 64 -25.20 19.69 -23.04
N LYS B 65 -24.47 18.71 -23.59
CA LYS B 65 -24.97 17.37 -23.76
C LYS B 65 -24.29 16.42 -22.79
N GLU B 66 -25.03 15.39 -22.37
CA GLU B 66 -24.53 14.39 -21.44
C GLU B 66 -24.37 13.07 -22.17
N TYR B 67 -23.17 12.51 -22.11
CA TYR B 67 -22.84 11.27 -22.79
C TYR B 67 -22.68 10.18 -21.75
N THR B 68 -23.50 9.13 -21.84
CA THR B 68 -23.51 8.07 -20.85
C THR B 68 -22.58 6.94 -21.26
N LEU B 69 -21.81 6.44 -20.29
CA LEU B 69 -21.09 5.19 -20.42
C LEU B 69 -21.72 4.17 -19.48
N ASN B 70 -21.80 2.92 -19.95
CA ASN B 70 -22.30 1.84 -19.11
C ASN B 70 -21.19 0.93 -18.63
N SER B 71 -19.99 1.09 -19.17
CA SER B 71 -18.77 0.45 -18.68
C SER B 71 -17.60 1.29 -19.17
N ARG B 72 -16.40 0.92 -18.74
CA ARG B 72 -15.23 1.73 -19.05
C ARG B 72 -14.87 1.63 -20.53
N ILE B 73 -14.17 2.66 -21.01
CA ILE B 73 -13.54 2.66 -22.32
C ILE B 73 -12.04 2.50 -22.09
N THR B 74 -11.41 1.61 -22.87
CA THR B 74 -9.97 1.41 -22.79
C THR B 74 -9.30 2.18 -23.92
N ILE B 75 -8.47 3.15 -23.56
CA ILE B 75 -7.71 3.95 -24.51
C ILE B 75 -6.33 3.32 -24.66
N THR B 76 -5.93 3.03 -25.90
CA THR B 76 -4.62 2.46 -26.17
C THR B 76 -3.80 3.32 -27.14
N ALA B 77 -4.27 4.52 -27.48
CA ALA B 77 -3.64 5.36 -28.47
C ALA B 77 -3.76 6.81 -28.07
N PRO B 78 -2.84 7.67 -28.51
CA PRO B 78 -2.92 9.09 -28.18
C PRO B 78 -4.17 9.74 -28.77
N LEU B 79 -4.81 10.59 -27.97
CA LEU B 79 -6.03 11.28 -28.41
C LEU B 79 -6.35 12.40 -27.44
N THR B 80 -7.32 13.24 -27.82
CA THR B 80 -7.90 14.24 -26.95
C THR B 80 -9.42 14.12 -26.98
N ILE B 81 -10.04 14.42 -25.84
CA ILE B 81 -11.49 14.50 -25.74
C ILE B 81 -11.82 15.87 -25.15
N SER B 82 -12.73 16.59 -25.81
CA SER B 82 -13.07 17.94 -25.35
C SER B 82 -14.45 18.32 -25.84
N THR B 83 -14.94 19.45 -25.34
CA THR B 83 -16.21 20.02 -25.76
C THR B 83 -16.00 20.97 -26.93
N ALA B 84 -16.96 20.96 -27.86
CA ALA B 84 -16.88 21.86 -29.02
C ALA B 84 -16.80 23.31 -28.56
N LYS B 85 -16.03 24.10 -29.29
CA LYS B 85 -15.83 25.51 -28.95
C LYS B 85 -17.03 26.35 -29.37
N ASN B 86 -17.18 27.50 -28.72
CA ASN B 86 -18.28 28.45 -28.90
C ASN B 86 -19.63 27.78 -29.18
N VAL B 91 -17.03 37.28 -28.24
CA VAL B 91 -16.99 35.94 -28.84
C VAL B 91 -17.74 34.95 -27.97
N ASP B 92 -17.58 35.07 -26.66
CA ASP B 92 -18.28 34.20 -25.71
C ASP B 92 -18.18 34.86 -24.33
N THR B 93 -19.31 35.29 -23.80
CA THR B 93 -19.36 35.98 -22.52
C THR B 93 -19.98 35.15 -21.40
N ASP B 94 -20.32 33.88 -21.66
CA ASP B 94 -20.85 33.03 -20.62
C ASP B 94 -19.76 32.66 -19.61
N GLN B 95 -20.19 32.25 -18.43
CA GLN B 95 -19.26 31.83 -17.39
C GLN B 95 -18.44 30.64 -17.89
N PRO B 96 -17.12 30.67 -17.79
CA PRO B 96 -16.32 29.54 -18.27
C PRO B 96 -16.74 28.23 -17.60
N GLY B 97 -16.77 27.17 -18.41
CA GLY B 97 -17.14 25.85 -17.92
C GLY B 97 -18.63 25.61 -17.78
N SER B 98 -19.47 26.60 -18.08
CA SER B 98 -20.91 26.43 -17.91
C SER B 98 -21.55 25.64 -19.05
N HIS B 99 -20.83 25.41 -20.15
CA HIS B 99 -21.37 24.66 -21.28
C HIS B 99 -20.61 23.36 -21.53
N ASN B 100 -19.84 22.90 -20.55
CA ASN B 100 -19.06 21.67 -20.70
C ASN B 100 -19.96 20.50 -21.06
N ALA B 101 -19.48 19.65 -21.95
CA ALA B 101 -20.11 18.35 -22.12
C ALA B 101 -19.83 17.48 -20.90
N THR B 102 -20.69 16.49 -20.69
CA THR B 102 -20.61 15.62 -19.52
C THR B 102 -20.43 14.17 -19.97
N ILE B 103 -19.46 13.49 -19.36
CA ILE B 103 -19.31 12.05 -19.48
C ILE B 103 -19.70 11.44 -18.15
N LYS B 104 -20.75 10.62 -18.15
CA LYS B 104 -21.39 10.13 -16.94
C LYS B 104 -21.46 8.61 -16.96
N MET B 105 -21.06 7.99 -15.84
CA MET B 105 -21.16 6.55 -15.69
C MET B 105 -22.58 6.18 -15.24
N ALA B 106 -23.27 5.38 -16.06
CA ALA B 106 -24.60 4.90 -15.71
C ALA B 106 -24.58 3.52 -15.07
N GLY B 107 -23.46 2.81 -15.17
CA GLY B 107 -23.28 1.52 -14.52
C GLY B 107 -22.49 1.64 -13.24
N THR B 108 -21.59 0.69 -13.02
CA THR B 108 -20.80 0.61 -11.80
C THR B 108 -19.30 0.66 -12.05
N ASP B 109 -18.88 0.98 -13.26
CA ASP B 109 -17.49 0.87 -13.68
C ASP B 109 -16.80 2.24 -13.63
N GLN B 110 -15.48 2.22 -13.82
CA GLN B 110 -14.74 3.44 -14.05
C GLN B 110 -15.04 3.95 -15.46
N LEU B 111 -14.64 5.19 -15.72
CA LEU B 111 -14.90 5.80 -17.03
C LEU B 111 -13.85 5.37 -18.05
N PHE B 112 -12.58 5.45 -17.69
CA PHE B 112 -11.50 5.18 -18.63
C PHE B 112 -10.43 4.32 -18.00
N LYS B 113 -9.87 3.42 -18.81
CA LYS B 113 -8.57 2.82 -18.57
C LYS B 113 -7.65 3.29 -19.69
N ILE B 114 -6.58 3.98 -19.32
CA ILE B 114 -5.66 4.58 -20.28
C ILE B 114 -4.35 3.81 -20.18
N ASP B 115 -4.16 2.84 -21.08
CA ASP B 115 -3.03 1.92 -20.99
C ASP B 115 -3.00 1.01 -22.22
N ASP B 116 -1.89 1.02 -22.95
CA ASP B 116 -1.69 0.06 -24.03
C ASP B 116 -1.02 -1.22 -23.55
N GLU B 117 -0.59 -1.27 -22.28
CA GLU B 117 0.01 -2.46 -21.68
C GLU B 117 1.26 -2.91 -22.43
N SER B 118 2.04 -1.96 -22.91
CA SER B 118 3.30 -2.25 -23.58
C SER B 118 4.44 -2.19 -22.58
N VAL B 119 5.30 -3.21 -22.61
CA VAL B 119 6.44 -3.25 -21.69
C VAL B 119 7.52 -2.27 -22.13
N GLU B 120 7.73 -2.14 -23.43
CA GLU B 120 8.84 -1.35 -23.97
C GLU B 120 8.45 0.07 -24.35
N LYS B 121 7.26 0.25 -24.92
CA LYS B 121 6.89 1.53 -25.51
C LYS B 121 6.77 2.62 -24.44
N ALA B 122 7.29 3.80 -24.77
CA ALA B 122 7.13 4.94 -23.89
C ALA B 122 5.66 5.36 -23.82
N SER B 123 5.31 6.03 -22.71
CA SER B 123 3.93 6.45 -22.50
C SER B 123 3.49 7.44 -23.57
N PHE B 124 2.22 7.37 -23.93
CA PHE B 124 1.63 8.29 -24.89
C PHE B 124 0.75 9.31 -24.16
N SER B 125 0.33 10.33 -24.91
CA SER B 125 -0.35 11.49 -24.36
C SER B 125 -1.86 11.41 -24.58
N VAL B 126 -2.61 11.71 -23.53
CA VAL B 126 -4.06 11.85 -23.60
C VAL B 126 -4.45 13.16 -22.91
N LEU B 127 -5.28 13.95 -23.58
CA LEU B 127 -5.74 15.23 -23.06
C LEU B 127 -7.25 15.17 -22.88
N LEU B 128 -7.72 15.56 -21.70
CA LEU B 128 -9.14 15.73 -21.41
C LEU B 128 -9.36 17.20 -21.07
N SER B 129 -10.18 17.88 -21.86
CA SER B 129 -10.30 19.34 -21.77
C SER B 129 -11.76 19.75 -21.77
N ASP B 130 -12.11 20.63 -20.83
CA ASP B 130 -13.44 21.25 -20.78
C ASP B 130 -14.55 20.21 -20.71
N LEU B 131 -14.41 19.26 -19.78
CA LEU B 131 -15.35 18.17 -19.62
C LEU B 131 -15.84 18.10 -18.19
N ASN B 132 -17.05 17.56 -18.01
CA ASN B 132 -17.58 17.20 -16.70
C ASN B 132 -17.56 15.68 -16.63
N LEU B 133 -16.61 15.14 -15.88
CA LEU B 133 -16.50 13.71 -15.66
C LEU B 133 -17.20 13.36 -14.34
N GLN B 134 -18.20 12.49 -14.42
CA GLN B 134 -19.01 12.11 -13.27
C GLN B 134 -19.02 10.60 -13.14
N GLY B 135 -18.52 10.09 -12.01
CA GLY B 135 -18.40 8.66 -11.80
C GLY B 135 -19.65 8.05 -11.20
N ALA B 136 -19.54 6.75 -10.92
CA ALA B 136 -20.69 5.98 -10.41
C ALA B 136 -21.06 6.35 -8.99
N GLY B 137 -20.16 6.97 -8.24
CA GLY B 137 -20.50 7.40 -6.89
C GLY B 137 -20.80 6.22 -5.99
N ALA B 138 -21.90 6.33 -5.23
CA ALA B 138 -22.27 5.29 -4.26
C ALA B 138 -22.49 3.94 -4.91
N ASN B 139 -22.81 3.89 -6.20
CA ASN B 139 -23.02 2.63 -6.91
C ASN B 139 -21.74 2.07 -7.51
N SER B 140 -20.58 2.64 -7.18
CA SER B 140 -19.34 2.18 -7.78
C SER B 140 -18.97 0.80 -7.26
N LYS B 141 -18.49 -0.06 -8.17
CA LYS B 141 -17.81 -1.29 -7.81
C LYS B 141 -16.33 -1.23 -8.11
N VAL B 142 -15.80 -0.04 -8.37
CA VAL B 142 -14.42 0.10 -8.81
C VAL B 142 -13.47 -0.11 -7.63
N LEU B 143 -12.36 -0.79 -7.90
CA LEU B 143 -11.31 -0.99 -6.92
C LEU B 143 -10.14 -0.03 -7.10
N THR B 144 -9.72 0.21 -8.33
CA THR B 144 -8.57 1.06 -8.63
C THR B 144 -8.97 2.07 -9.69
N GLY B 145 -9.12 3.34 -9.29
CA GLY B 145 -9.41 4.41 -10.23
C GLY B 145 -10.89 4.64 -10.47
N GLY B 146 -11.53 5.40 -9.57
CA GLY B 146 -12.96 5.58 -9.66
C GLY B 146 -13.41 6.21 -10.97
N LEU B 147 -12.60 7.12 -11.51
CA LEU B 147 -12.84 7.68 -12.83
C LEU B 147 -11.89 7.10 -13.88
N ILE B 148 -10.59 7.12 -13.60
CA ILE B 148 -9.57 6.78 -14.60
C ILE B 148 -8.52 5.90 -13.96
N LEU B 149 -8.24 4.76 -14.58
CA LEU B 149 -7.05 3.97 -14.31
C LEU B 149 -6.02 4.37 -15.35
N ASN B 150 -4.93 5.00 -14.92
CA ASN B 150 -3.99 5.62 -15.84
C ASN B 150 -2.62 4.96 -15.78
N HIS B 151 -2.06 4.71 -16.96
CA HIS B 151 -0.68 4.28 -17.11
C HIS B 151 0.08 5.15 -18.10
N GLU B 152 -0.52 6.25 -18.57
CA GLU B 152 0.09 7.06 -19.62
C GLU B 152 0.20 8.52 -19.20
N LYS B 153 0.55 9.39 -20.14
CA LYS B 153 0.72 10.81 -19.85
C LYS B 153 -0.64 11.49 -19.96
N LEU B 154 -1.34 11.58 -18.83
CA LEU B 154 -2.70 12.08 -18.77
C LEU B 154 -2.67 13.55 -18.35
N THR B 155 -3.24 14.41 -19.17
CA THR B 155 -3.42 15.82 -18.85
C THR B 155 -4.91 16.12 -18.80
N ILE B 156 -5.36 16.72 -17.70
CA ILE B 156 -6.75 17.14 -17.53
C ILE B 156 -6.76 18.64 -17.27
N GLN B 157 -7.57 19.37 -18.02
CA GLN B 157 -7.62 20.82 -17.90
C GLN B 157 -9.05 21.31 -18.03
N ASN B 158 -9.38 22.36 -17.27
CA ASN B 158 -10.66 23.07 -17.38
C ASN B 158 -11.85 22.14 -17.14
N SER B 159 -11.70 21.15 -16.27
CA SER B 159 -12.69 20.10 -16.14
C SER B 159 -13.23 19.98 -14.71
N ARG B 160 -14.34 19.28 -14.60
CA ARG B 160 -14.90 18.87 -13.31
C ARG B 160 -14.68 17.38 -13.15
N LEU B 161 -14.21 16.98 -11.97
CA LEU B 161 -13.94 15.58 -11.64
C LEU B 161 -14.74 15.25 -10.38
N THR B 162 -15.88 14.59 -10.55
CA THR B 162 -16.78 14.30 -9.44
C THR B 162 -17.27 12.87 -9.51
N GLY B 163 -17.73 12.38 -8.35
CA GLY B 163 -18.36 11.07 -8.29
C GLY B 163 -17.44 9.88 -8.39
N GLY B 164 -16.13 10.08 -8.22
CA GLY B 164 -15.20 8.98 -8.30
C GLY B 164 -15.03 8.24 -6.98
N TYR B 165 -15.58 7.02 -6.91
CA TYR B 165 -15.53 6.21 -5.71
C TYR B 165 -14.78 4.92 -6.03
N ALA B 166 -13.83 4.56 -5.17
CA ALA B 166 -13.04 3.35 -5.39
C ALA B 166 -12.39 2.94 -4.07
N ASN B 167 -11.72 1.78 -4.10
CA ASN B 167 -10.93 1.36 -2.96
C ASN B 167 -9.61 2.10 -2.91
N GLN B 168 -8.92 2.18 -4.06
CA GLN B 168 -7.70 2.95 -4.21
C GLN B 168 -7.85 3.90 -5.39
N GLY B 169 -7.61 5.19 -5.16
CA GLY B 169 -7.67 6.16 -6.22
C GLY B 169 -9.08 6.59 -6.56
N GLY B 170 -9.63 7.53 -5.80
CA GLY B 170 -11.01 7.95 -6.02
C GLY B 170 -11.22 8.52 -7.42
N VAL B 171 -10.35 9.43 -7.83
CA VAL B 171 -10.41 9.97 -9.18
C VAL B 171 -9.51 9.14 -10.10
N ILE B 172 -8.21 9.10 -9.79
CA ILE B 172 -7.21 8.49 -10.66
C ILE B 172 -6.38 7.49 -9.85
N TYR B 173 -6.15 6.32 -10.42
CA TYR B 173 -5.11 5.40 -9.98
C TYR B 173 -3.99 5.46 -11.01
N ASN B 174 -2.82 5.92 -10.59
CA ASN B 174 -1.70 6.17 -11.49
C ASN B 174 -0.63 5.10 -11.30
N GLN B 175 -0.35 4.35 -12.36
CA GLN B 175 0.61 3.25 -12.33
C GLN B 175 1.94 3.69 -12.89
N GLY B 176 3.01 3.07 -12.39
CA GLY B 176 4.31 3.23 -12.99
C GLY B 176 5.40 3.77 -12.08
N PHE B 177 6.65 3.42 -12.40
CA PHE B 177 7.82 3.95 -11.74
C PHE B 177 8.72 4.60 -12.78
N ALA B 178 9.27 5.76 -12.43
CA ALA B 178 10.00 6.60 -13.38
C ALA B 178 11.50 6.36 -13.25
N SER B 179 12.13 6.03 -14.38
CA SER B 179 13.57 5.87 -14.48
C SER B 179 13.95 5.88 -15.96
N LYS B 180 15.24 6.02 -16.23
CA LYS B 180 15.69 6.05 -17.62
C LYS B 180 15.47 4.71 -18.32
N SER B 181 15.43 3.62 -17.56
CA SER B 181 15.16 2.30 -18.12
C SER B 181 13.69 1.93 -18.10
N ASP B 182 12.83 2.73 -17.47
CA ASP B 182 11.39 2.50 -17.42
C ASP B 182 10.70 3.82 -17.72
N ARG B 183 10.45 4.07 -19.00
CA ARG B 183 9.74 5.27 -19.45
C ARG B 183 8.28 4.98 -19.76
N THR B 184 7.71 3.94 -19.16
CA THR B 184 6.31 3.58 -19.35
C THR B 184 5.43 4.08 -18.22
N PHE B 185 5.97 4.86 -17.31
CA PHE B 185 5.22 5.31 -16.14
C PHE B 185 4.12 6.30 -16.53
N GLY B 186 3.02 6.25 -15.78
CA GLY B 186 2.00 7.27 -15.92
C GLY B 186 2.34 8.52 -15.13
N PHE B 187 1.82 9.65 -15.60
CA PHE B 187 2.01 10.94 -14.95
C PHE B 187 0.75 11.75 -15.12
N VAL B 188 0.22 12.27 -14.02
CA VAL B 188 -1.03 13.02 -14.00
C VAL B 188 -0.72 14.51 -13.89
N TYR B 189 -1.24 15.29 -14.82
CA TYR B 189 -1.11 16.74 -14.81
C TYR B 189 -2.51 17.34 -14.89
N ILE B 190 -2.91 18.06 -13.85
CA ILE B 190 -4.25 18.62 -13.75
C ILE B 190 -4.14 20.13 -13.58
N VAL B 191 -4.86 20.87 -14.41
CA VAL B 191 -4.79 22.34 -14.45
C VAL B 191 -6.21 22.89 -14.51
N ASN B 192 -6.50 23.87 -13.64
CA ASN B 192 -7.73 24.65 -13.73
C ASN B 192 -8.96 23.75 -13.69
N SER B 193 -8.97 22.81 -12.75
CA SER B 193 -10.05 21.84 -12.65
C SER B 193 -10.68 21.88 -11.26
N LEU B 194 -11.90 21.35 -11.18
CA LEU B 194 -12.64 21.23 -9.94
C LEU B 194 -12.68 19.76 -9.55
N ILE B 195 -12.17 19.45 -8.36
CA ILE B 195 -12.12 18.10 -7.82
C ILE B 195 -13.03 18.05 -6.61
N GLN B 196 -14.13 17.32 -6.70
CA GLN B 196 -15.17 17.41 -5.68
C GLN B 196 -15.95 16.11 -5.58
N ASN B 197 -16.30 15.75 -4.34
CA ASN B 197 -17.21 14.62 -4.07
C ASN B 197 -16.63 13.29 -4.57
N ASN B 198 -15.35 13.09 -4.32
CA ASN B 198 -14.69 11.81 -4.62
C ASN B 198 -14.27 11.16 -3.31
N LYS B 199 -14.18 9.83 -3.33
CA LYS B 199 -13.95 9.08 -2.10
C LYS B 199 -13.18 7.80 -2.40
N ALA B 200 -12.24 7.47 -1.53
CA ALA B 200 -11.50 6.22 -1.62
C ALA B 200 -11.03 5.83 -0.23
N ALA B 201 -10.70 4.54 -0.08
CA ALA B 201 -10.09 4.10 1.18
C ALA B 201 -8.68 4.63 1.31
N GLN B 202 -7.91 4.59 0.22
CA GLN B 202 -6.57 5.18 0.17
C GLN B 202 -6.44 5.91 -1.15
N GLY B 203 -5.82 7.09 -1.11
CA GLY B 203 -5.72 7.91 -2.31
C GLY B 203 -7.08 8.48 -2.70
N GLY B 204 -7.63 9.35 -1.84
CA GLY B 204 -8.99 9.83 -2.06
C GLY B 204 -9.21 10.44 -3.42
N VAL B 205 -8.22 11.18 -3.93
CA VAL B 205 -8.30 11.73 -5.26
C VAL B 205 -7.39 10.92 -6.18
N ILE B 206 -6.09 10.96 -5.91
CA ILE B 206 -5.10 10.24 -6.69
C ILE B 206 -4.40 9.23 -5.80
N TYR B 207 -4.42 7.96 -6.20
CA TYR B 207 -3.50 6.95 -5.69
C TYR B 207 -2.43 6.72 -6.74
N SER B 208 -1.18 6.96 -6.37
CA SER B 208 -0.07 6.82 -7.30
C SER B 208 1.02 5.99 -6.65
N GLU B 209 1.71 5.17 -7.45
CA GLU B 209 2.79 4.35 -6.92
C GLU B 209 3.97 5.21 -6.51
N GLN B 210 4.35 6.17 -7.34
CA GLN B 210 5.32 7.21 -7.01
C GLN B 210 4.65 8.57 -7.13
N PRO B 211 5.23 9.62 -6.52
CA PRO B 211 4.61 10.95 -6.63
C PRO B 211 4.73 11.52 -8.03
N LEU B 212 3.99 10.95 -8.99
CA LEU B 212 4.07 11.36 -10.40
C LEU B 212 2.80 12.13 -10.76
N PHE B 213 2.64 13.29 -10.15
CA PHE B 213 1.46 14.12 -10.38
C PHE B 213 1.79 15.57 -10.06
N LEU B 214 1.17 16.48 -10.81
CA LEU B 214 1.22 17.91 -10.50
C LEU B 214 -0.18 18.46 -10.66
N ILE B 215 -0.74 19.00 -9.58
CA ILE B 215 -2.05 19.64 -9.59
C ILE B 215 -1.83 21.13 -9.36
N THR B 216 -2.32 21.95 -10.29
CA THR B 216 -2.12 23.39 -10.20
C THR B 216 -3.38 24.13 -10.64
N GLN B 217 -3.58 25.29 -10.03
CA GLN B 217 -4.67 26.22 -10.39
C GLN B 217 -6.04 25.55 -10.27
N SER B 218 -6.19 24.66 -9.29
CA SER B 218 -7.39 23.84 -9.17
C SER B 218 -8.05 24.03 -7.80
N VAL B 219 -9.26 23.50 -7.68
CA VAL B 219 -10.02 23.53 -6.43
C VAL B 219 -10.29 22.09 -6.01
N ILE B 220 -9.97 21.78 -4.75
CA ILE B 220 -10.11 20.43 -4.20
C ILE B 220 -10.98 20.55 -2.95
N ARG B 221 -12.23 20.08 -3.04
CA ARG B 221 -13.17 20.27 -1.96
C ARG B 221 -14.09 19.06 -1.85
N ASP B 222 -14.57 18.80 -0.64
CA ASP B 222 -15.59 17.79 -0.38
C ASP B 222 -15.15 16.39 -0.81
N ASN B 223 -13.86 16.12 -0.75
CA ASN B 223 -13.32 14.78 -1.00
C ASN B 223 -13.01 14.10 0.31
N GLU B 224 -12.78 12.79 0.24
CA GLU B 224 -12.57 12.00 1.43
C GLU B 224 -11.64 10.83 1.14
N VAL B 225 -10.70 10.59 2.07
CA VAL B 225 -9.95 9.35 2.12
C VAL B 225 -10.25 8.73 3.48
N SER B 226 -10.94 7.58 3.46
CA SER B 226 -11.52 7.05 4.69
C SER B 226 -10.46 6.59 5.68
N ASN B 227 -9.32 6.08 5.19
CA ASN B 227 -8.19 5.78 6.06
C ASN B 227 -7.61 7.09 6.58
N THR B 228 -7.81 7.36 7.87
CA THR B 228 -7.37 8.63 8.44
C THR B 228 -5.86 8.79 8.45
N SER B 229 -5.11 7.73 8.14
CA SER B 229 -3.68 7.84 7.93
C SER B 229 -3.31 8.06 6.47
N GLY B 230 -4.24 7.84 5.55
CA GLY B 230 -3.98 8.01 4.13
C GLY B 230 -4.05 9.46 3.71
N SER B 231 -4.02 9.65 2.39
CA SER B 231 -4.01 10.99 1.81
C SER B 231 -4.92 11.03 0.59
N LEU B 232 -5.38 12.24 0.27
CA LEU B 232 -6.13 12.45 -0.98
C LEU B 232 -5.23 12.28 -2.19
N PHE B 233 -4.03 12.84 -2.15
CA PHE B 233 -3.01 12.66 -3.18
C PHE B 233 -1.92 11.80 -2.55
N PHE B 234 -2.11 10.49 -2.61
CA PHE B 234 -1.26 9.52 -1.92
C PHE B 234 -0.27 8.90 -2.90
N SER B 235 0.99 8.87 -2.51
CA SER B 235 2.02 8.13 -3.23
C SER B 235 2.49 6.98 -2.36
N GLN B 236 2.47 5.77 -2.92
CA GLN B 236 2.80 4.58 -2.14
C GLN B 236 4.30 4.44 -1.93
N ASP B 237 5.09 4.82 -2.94
CA ASP B 237 6.54 4.66 -2.90
C ASP B 237 7.21 6.01 -3.13
N SER B 238 8.53 6.02 -2.96
CA SER B 238 9.33 7.22 -3.13
C SER B 238 10.20 7.11 -4.38
N PHE B 239 10.77 8.24 -4.77
CA PHE B 239 11.74 8.27 -5.84
C PHE B 239 13.10 7.78 -5.35
N ASP B 240 14.04 7.64 -6.28
CA ASP B 240 15.40 7.32 -5.90
CA ASP B 240 15.42 7.32 -5.93
C ASP B 240 16.04 8.50 -5.19
N ASP B 241 16.89 8.20 -4.19
CA ASP B 241 17.52 9.25 -3.40
C ASP B 241 18.28 10.24 -4.26
N GLU B 242 18.90 9.77 -5.35
CA GLU B 242 19.76 10.61 -6.17
C GLU B 242 18.99 11.58 -7.06
N SER B 243 17.68 11.41 -7.21
CA SER B 243 16.89 12.25 -8.10
C SER B 243 16.06 13.30 -7.38
N THR B 244 15.82 13.13 -6.08
CA THR B 244 14.92 14.03 -5.37
C THR B 244 15.46 15.46 -5.30
N GLY B 245 16.80 15.61 -5.29
CA GLY B 245 17.37 16.94 -5.26
C GLY B 245 17.05 17.76 -6.50
N GLU B 246 17.09 17.11 -7.67
CA GLU B 246 16.69 17.80 -8.90
C GLU B 246 15.21 18.12 -8.90
N TYR B 247 14.38 17.17 -8.46
CA TYR B 247 12.93 17.33 -8.59
C TYR B 247 12.42 18.50 -7.76
N VAL B 248 12.90 18.64 -6.53
CA VAL B 248 12.39 19.71 -5.66
C VAL B 248 12.81 21.07 -6.22
N VAL B 249 14.01 21.17 -6.78
CA VAL B 249 14.45 22.43 -7.39
C VAL B 249 13.63 22.73 -8.64
N GLN B 250 13.39 21.72 -9.47
CA GLN B 250 12.66 21.91 -10.71
C GLN B 250 11.15 22.03 -10.50
N ARG B 251 10.67 21.73 -9.29
CA ARG B 251 9.24 21.79 -8.97
C ARG B 251 8.41 20.96 -9.95
N ALA B 252 8.82 19.69 -10.12
CA ALA B 252 8.19 18.83 -11.12
C ALA B 252 6.85 18.30 -10.63
N ILE B 253 6.74 17.89 -9.37
CA ILE B 253 5.58 17.18 -8.87
C ILE B 253 5.13 17.81 -7.55
N GLY B 254 3.82 17.85 -7.34
CA GLY B 254 3.28 18.40 -6.12
C GLY B 254 1.98 19.14 -6.30
N LEU B 255 1.78 20.19 -5.51
CA LEU B 255 0.56 21.00 -5.54
C LEU B 255 0.96 22.47 -5.54
N SER B 256 0.32 23.26 -6.41
CA SER B 256 0.62 24.68 -6.47
C SER B 256 -0.64 25.45 -6.86
N ASN B 257 -0.74 26.69 -6.37
CA ASN B 257 -1.77 27.64 -6.76
C ASN B 257 -3.17 27.03 -6.70
N SER B 258 -3.47 26.35 -5.60
CA SER B 258 -4.72 25.61 -5.50
C SER B 258 -5.39 25.85 -4.14
N THR B 259 -6.73 25.80 -4.17
CA THR B 259 -7.55 25.98 -2.99
C THR B 259 -8.06 24.62 -2.52
N VAL B 260 -7.82 24.29 -1.26
CA VAL B 260 -8.08 22.97 -0.68
C VAL B 260 -8.85 23.17 0.61
N PHE B 261 -10.12 22.76 0.63
CA PHE B 261 -10.95 22.98 1.81
C PHE B 261 -12.07 21.96 1.87
N HIS B 262 -12.61 21.79 3.09
CA HIS B 262 -13.78 20.94 3.35
C HIS B 262 -13.56 19.49 2.93
N ASN B 263 -12.33 18.99 3.04
CA ASN B 263 -12.04 17.60 2.76
C ASN B 263 -12.02 16.79 4.06
N LYS B 264 -12.29 15.50 3.95
CA LYS B 264 -12.62 14.66 5.08
C LYS B 264 -11.69 13.45 5.17
N GLY B 265 -11.49 12.98 6.39
CA GLY B 265 -10.77 11.73 6.63
C GLY B 265 -9.28 11.97 6.90
N GLY B 266 -8.43 11.54 5.98
CA GLY B 266 -6.99 11.65 6.13
C GLY B 266 -6.45 12.96 5.61
N PHE B 267 -5.15 12.94 5.30
CA PHE B 267 -4.43 14.15 4.91
C PHE B 267 -4.71 14.50 3.45
N ILE B 268 -4.35 15.73 3.09
CA ILE B 268 -4.46 16.17 1.69
C ILE B 268 -3.45 15.43 0.83
N THR B 269 -2.19 15.39 1.28
CA THR B 269 -1.15 14.67 0.57
C THR B 269 -0.07 14.29 1.57
N ASN B 270 0.67 13.24 1.24
CA ASN B 270 1.85 12.85 2.00
C ASN B 270 3.08 13.34 1.24
N VAL B 271 3.81 14.28 1.84
CA VAL B 271 4.90 14.97 1.16
C VAL B 271 6.16 14.11 1.28
N ARG B 272 6.56 13.48 0.17
CA ARG B 272 7.79 12.73 0.08
C ARG B 272 8.89 13.58 -0.54
N ASP B 273 10.12 13.08 -0.47
CA ASP B 273 11.24 13.79 -1.06
C ASP B 273 11.03 13.94 -2.56
N GLY B 274 11.37 15.12 -3.09
CA GLY B 274 11.16 15.45 -4.47
C GLY B 274 9.92 16.29 -4.74
N MET B 275 8.96 16.28 -3.84
CA MET B 275 7.71 17.01 -4.01
C MET B 275 7.83 18.44 -3.50
N PHE B 276 6.97 19.31 -4.02
CA PHE B 276 6.90 20.68 -3.56
C PHE B 276 5.45 21.08 -3.38
N VAL B 277 5.22 22.03 -2.47
CA VAL B 277 3.93 22.67 -2.28
C VAL B 277 4.17 24.17 -2.24
N ASN B 278 3.47 24.92 -3.09
CA ASN B 278 3.76 26.35 -3.22
C ASN B 278 2.46 27.10 -3.51
N ASN B 279 2.17 28.10 -2.68
CA ASN B 279 1.04 29.01 -2.88
C ASN B 279 -0.29 28.25 -2.96
N ILE B 280 -0.56 27.43 -1.94
CA ILE B 280 -1.87 26.82 -1.81
C ILE B 280 -2.57 27.43 -0.61
N THR B 281 -3.90 27.39 -0.64
CA THR B 281 -4.74 27.79 0.49
C THR B 281 -5.40 26.51 1.00
N MET B 282 -4.89 26.00 2.12
CA MET B 282 -5.29 24.71 2.68
C MET B 282 -5.92 24.96 4.05
N ILE B 283 -7.22 25.21 4.06
CA ILE B 283 -7.94 25.61 5.27
C ILE B 283 -9.20 24.78 5.41
N LYS B 284 -9.65 24.64 6.66
CA LYS B 284 -10.95 24.04 6.97
C LYS B 284 -11.07 22.60 6.44
N ASN B 285 -10.01 21.82 6.62
CA ASN B 285 -10.02 20.39 6.34
C ASN B 285 -9.91 19.60 7.63
N ASP B 286 -10.15 18.29 7.54
CA ASP B 286 -9.89 17.42 8.68
C ASP B 286 -8.39 17.31 8.96
N LYS B 287 -7.60 17.01 7.93
CA LYS B 287 -6.16 16.87 8.08
C LYS B 287 -5.46 17.54 6.90
N GLY B 288 -4.35 18.21 7.19
CA GLY B 288 -3.61 18.92 6.16
C GLY B 288 -2.53 18.10 5.51
N LEU B 289 -1.27 18.44 5.79
CA LEU B 289 -0.12 17.79 5.17
C LEU B 289 0.48 16.77 6.11
N PHE B 290 0.85 15.61 5.56
CA PHE B 290 1.66 14.62 6.27
C PHE B 290 3.05 14.66 5.68
N LEU B 291 4.05 14.91 6.53
CA LEU B 291 5.42 15.16 6.09
C LEU B 291 6.25 13.89 6.21
N GLU B 292 6.92 13.52 5.11
CA GLU B 292 7.54 12.21 5.00
C GLU B 292 8.76 12.30 4.10
N ALA B 293 9.60 13.32 4.30
CA ALA B 293 10.74 13.61 3.44
C ALA B 293 12.02 13.54 4.26
N PRO B 294 12.57 12.34 4.46
CA PRO B 294 13.75 12.22 5.34
C PRO B 294 15.02 12.84 4.78
N GLN B 295 15.15 12.99 3.46
CA GLN B 295 16.32 13.63 2.89
C GLN B 295 16.33 15.14 3.07
N GLY B 296 15.17 15.76 3.23
CA GLY B 296 15.10 17.20 3.22
C GLY B 296 14.98 17.80 1.84
N ASN B 297 14.63 17.01 0.84
CA ASN B 297 14.46 17.47 -0.55
C ASN B 297 12.99 17.68 -0.88
N ALA B 298 12.26 18.31 0.02
CA ALA B 298 10.87 18.69 -0.21
C ALA B 298 10.66 20.09 0.34
N SER B 299 9.86 20.88 -0.37
CA SER B 299 9.69 22.30 -0.06
C SER B 299 8.21 22.63 0.05
N ILE B 300 7.85 23.31 1.13
CA ILE B 300 6.51 23.83 1.34
C ILE B 300 6.63 25.31 1.62
N SER B 301 6.08 26.14 0.74
CA SER B 301 6.33 27.57 0.83
C SER B 301 5.12 28.38 0.37
N ASN B 302 5.01 29.60 0.91
CA ASN B 302 4.09 30.61 0.42
C ASN B 302 2.64 30.16 0.49
N SER B 303 2.31 29.30 1.45
CA SER B 303 0.98 28.71 1.55
C SER B 303 0.29 29.14 2.83
N ILE B 304 -1.02 28.91 2.87
CA ILE B 304 -1.85 29.13 4.05
C ILE B 304 -2.19 27.75 4.60
N LEU B 305 -1.64 27.44 5.77
CA LEU B 305 -1.74 26.09 6.33
C LEU B 305 -2.35 26.10 7.72
N VAL B 306 -3.52 26.73 7.88
CA VAL B 306 -4.17 26.88 9.17
C VAL B 306 -5.66 26.59 9.02
N GLY B 307 -6.34 26.47 10.16
CA GLY B 307 -7.77 26.25 10.16
C GLY B 307 -8.21 24.82 9.94
N ASN B 308 -7.28 23.88 9.88
CA ASN B 308 -7.60 22.47 9.79
C ASN B 308 -7.49 21.83 11.17
N THR B 309 -8.26 20.76 11.38
CA THR B 309 -8.22 20.06 12.66
C THR B 309 -6.81 19.59 12.97
N ILE B 310 -6.13 19.03 11.98
CA ILE B 310 -4.70 18.73 12.06
C ILE B 310 -4.05 19.41 10.85
N ASN B 311 -3.18 20.39 11.12
CA ASN B 311 -2.57 21.16 10.03
C ASN B 311 -1.40 20.42 9.41
N CYS B 312 -0.46 19.96 10.23
CA CYS B 312 0.67 19.16 9.78
C CYS B 312 0.89 18.02 10.76
N GLN B 313 1.56 16.98 10.26
CA GLN B 313 2.04 15.89 11.09
C GLN B 313 3.15 15.19 10.33
N ALA B 314 4.26 14.92 11.01
CA ALA B 314 5.42 14.31 10.39
C ALA B 314 5.78 13.01 11.11
N ASN B 315 6.53 12.17 10.41
CA ASN B 315 7.13 11.02 11.07
C ASN B 315 8.45 11.44 11.71
N SER B 316 9.10 10.49 12.38
CA SER B 316 10.25 10.83 13.21
C SER B 316 11.42 11.40 12.41
N THR B 317 11.57 10.98 11.15
CA THR B 317 12.75 11.30 10.37
C THR B 317 12.53 12.41 9.34
N ASP B 318 11.35 13.03 9.32
CA ASP B 318 11.06 14.00 8.28
C ASP B 318 11.93 15.25 8.42
N LYS B 319 12.41 15.74 7.27
CA LYS B 319 13.20 16.97 7.21
C LYS B 319 12.66 17.92 6.15
N ALA B 320 11.35 17.90 5.91
CA ALA B 320 10.77 18.77 4.89
C ALA B 320 11.04 20.23 5.20
N ILE B 321 11.41 20.99 4.18
CA ILE B 321 11.70 22.41 4.31
C ILE B 321 10.40 23.20 4.25
N ILE B 322 10.07 23.90 5.33
CA ILE B 322 8.82 24.65 5.45
C ILE B 322 9.18 26.11 5.67
N GLN B 323 8.99 26.94 4.64
CA GLN B 323 9.41 28.33 4.66
C GLN B 323 8.30 29.25 4.19
N SER B 324 8.17 30.40 4.85
CA SER B 324 7.31 31.50 4.39
C SER B 324 5.86 31.06 4.23
N ASN B 325 5.34 30.37 5.24
CA ASN B 325 3.94 29.95 5.26
C ASN B 325 3.22 30.58 6.44
N LEU B 326 1.90 30.64 6.35
CA LEU B 326 1.05 30.98 7.49
C LEU B 326 0.75 29.68 8.23
N VAL B 327 1.30 29.53 9.43
CA VAL B 327 1.31 28.25 10.12
C VAL B 327 0.88 28.42 11.58
N THR B 328 0.49 27.30 12.18
CA THR B 328 0.42 27.15 13.62
C THR B 328 1.59 26.29 14.07
N THR B 329 1.52 25.82 15.32
CA THR B 329 2.64 25.08 15.91
C THR B 329 3.00 23.86 15.09
N GLU B 330 1.99 23.12 14.61
CA GLU B 330 2.25 21.85 13.94
C GLU B 330 3.09 22.01 12.68
N CYS B 331 2.93 23.13 11.96
CA CYS B 331 3.60 23.32 10.68
C CYS B 331 4.83 24.21 10.76
N ASN B 332 5.13 24.77 11.93
CA ASN B 332 6.23 25.72 12.05
C ASN B 332 7.55 25.01 12.32
N ARG B 333 8.63 25.55 11.75
CA ARG B 333 9.98 24.99 11.88
C ARG B 333 10.92 26.08 12.34
N ASN B 334 11.61 25.85 13.46
CA ASN B 334 12.62 26.79 13.92
C ASN B 334 13.89 26.75 13.09
N ALA B 335 14.04 25.75 12.22
CA ALA B 335 15.22 25.64 11.36
C ALA B 335 15.18 26.55 10.15
N SER B 336 14.08 27.28 9.94
CA SER B 336 13.94 28.20 8.80
C SER B 336 14.20 29.61 9.32
N VAL B 337 15.47 30.02 9.35
CA VAL B 337 15.83 31.28 9.97
C VAL B 337 15.80 32.45 8.98
N LYS B 338 16.16 32.21 7.72
CA LYS B 338 16.19 33.28 6.72
C LYS B 338 14.85 33.49 6.04
N VAL B 339 14.09 32.43 5.83
CA VAL B 339 12.76 32.52 5.25
C VAL B 339 11.77 31.94 6.25
N PRO B 340 11.51 32.62 7.37
CA PRO B 340 10.66 32.03 8.41
C PRO B 340 9.19 32.03 8.00
N ASN B 341 8.40 31.28 8.76
CA ASN B 341 6.97 31.25 8.58
C ASN B 341 6.32 32.36 9.42
N ILE B 342 5.01 32.51 9.27
CA ILE B 342 4.24 33.53 9.98
C ILE B 342 3.26 32.84 10.91
N LEU B 343 3.30 33.19 12.19
CA LEU B 343 2.44 32.57 13.18
C LEU B 343 1.01 33.11 13.07
N TYR B 344 0.04 32.19 13.06
CA TYR B 344 -1.37 32.56 12.95
C TYR B 344 -1.99 32.62 14.34
N PRO B 345 -2.50 33.77 14.78
CA PRO B 345 -3.08 33.85 16.13
C PRO B 345 -4.40 33.10 16.22
N ALA B 346 -4.68 32.61 17.44
CA ALA B 346 -5.89 31.82 17.66
C ALA B 346 -7.13 32.70 17.67
N ASN B 347 -7.07 33.83 18.37
CA ASN B 347 -8.24 34.68 18.54
C ASN B 347 -8.70 35.34 17.24
N GLN B 348 -7.88 35.34 16.20
CA GLN B 348 -8.26 35.94 14.93
C GLN B 348 -9.19 35.02 14.16
N LYS B 349 -10.20 35.61 13.52
CA LYS B 349 -11.10 34.86 12.67
C LYS B 349 -10.46 34.63 11.30
N LEU B 350 -10.43 33.37 10.87
CA LEU B 350 -9.80 33.05 9.59
C LEU B 350 -10.55 33.69 8.43
N ILE B 351 -11.89 33.67 8.48
CA ILE B 351 -12.72 34.09 7.36
C ILE B 351 -13.63 35.22 7.82
N ALA B 352 -13.61 36.33 7.07
CA ALA B 352 -14.48 37.47 7.35
C ALA B 352 -15.87 37.20 6.78
N GLY B 353 -16.59 36.31 7.46
CA GLY B 353 -17.93 35.94 7.04
C GLY B 353 -18.52 34.97 8.03
N SER B 354 -19.84 34.80 7.91
CA SER B 354 -20.56 33.89 8.80
C SER B 354 -20.29 32.43 8.46
N THR B 355 -20.03 32.11 7.19
CA THR B 355 -19.76 30.76 6.75
C THR B 355 -18.40 30.72 6.04
N ASP B 356 -18.05 29.53 5.54
CA ASP B 356 -16.85 29.36 4.72
C ASP B 356 -17.09 29.73 3.26
N GLU B 357 -18.34 29.94 2.87
CA GLU B 357 -18.69 30.19 1.47
C GLU B 357 -19.83 31.18 1.43
N GLY B 358 -19.71 32.22 0.60
CA GLY B 358 -20.76 33.20 0.45
C GLY B 358 -20.19 34.59 0.35
N VAL B 359 -21.03 35.57 0.67
CA VAL B 359 -20.67 36.97 0.53
C VAL B 359 -19.65 37.35 1.59
N CYS B 360 -18.70 38.22 1.22
CA CYS B 360 -17.65 38.67 2.12
C CYS B 360 -18.13 39.84 2.97
N ASP B 361 -17.73 39.83 4.24
CA ASP B 361 -18.07 40.92 5.17
C ASP B 361 -17.02 42.00 5.01
N VAL B 362 -17.37 43.06 4.29
CA VAL B 362 -16.38 44.08 3.94
C VAL B 362 -16.05 44.94 5.16
N ALA B 363 -17.04 45.27 5.98
CA ALA B 363 -16.83 46.11 7.15
C ALA B 363 -16.40 45.24 8.33
N SER B 364 -15.14 44.84 8.31
CA SER B 364 -14.58 44.02 9.38
C SER B 364 -13.08 44.19 9.42
N LYS B 365 -12.49 43.87 10.58
CA LYS B 365 -11.05 43.87 10.75
C LYS B 365 -10.57 42.61 11.44
N ASP B 366 -11.40 41.56 11.47
CA ASP B 366 -11.07 40.33 12.17
C ASP B 366 -10.88 39.13 11.24
N GLY B 367 -11.19 39.27 9.95
CA GLY B 367 -11.12 38.17 9.00
C GLY B 367 -9.96 38.34 8.04
N LEU B 368 -9.18 37.27 7.89
CA LEU B 368 -8.04 37.29 6.98
C LEU B 368 -8.46 37.09 5.53
N LEU B 369 -9.39 36.16 5.29
CA LEU B 369 -9.81 35.81 3.95
C LEU B 369 -11.31 36.05 3.79
N CYS B 370 -11.70 36.43 2.58
CA CYS B 370 -13.11 36.42 2.23
C CYS B 370 -13.59 34.97 2.12
N PRO B 371 -14.87 34.72 2.38
CA PRO B 371 -15.41 33.38 2.16
C PRO B 371 -15.23 32.93 0.72
N PHE B 372 -15.27 31.62 0.53
CA PHE B 372 -15.14 31.04 -0.81
C PHE B 372 -16.24 31.58 -1.72
N ASN B 373 -15.84 32.09 -2.87
CA ASN B 373 -16.78 32.68 -3.81
C ASN B 373 -16.29 32.43 -5.23
N THR B 374 -17.23 32.17 -6.13
CA THR B 374 -16.90 31.95 -7.53
C THR B 374 -17.39 33.14 -8.34
N PRO B 375 -16.50 33.97 -8.88
CA PRO B 375 -16.96 35.08 -9.74
C PRO B 375 -17.64 34.54 -10.98
N LYS B 376 -18.55 35.33 -11.53
CA LYS B 376 -19.30 34.91 -12.70
C LYS B 376 -18.45 34.89 -13.97
N ASP B 377 -17.27 35.49 -13.94
CA ASP B 377 -16.32 35.43 -15.06
C ASP B 377 -15.29 34.32 -14.88
N SER B 378 -15.51 33.40 -13.95
CA SER B 378 -14.51 32.40 -13.62
C SER B 378 -15.18 31.03 -13.48
N PHE B 379 -14.42 29.99 -13.86
CA PHE B 379 -14.86 28.61 -13.66
C PHE B 379 -14.71 28.19 -12.20
N LEU B 380 -13.55 28.47 -11.60
CA LEU B 380 -13.26 28.07 -10.23
C LEU B 380 -13.40 29.25 -9.27
N GLY B 381 -13.74 28.92 -8.01
CA GLY B 381 -13.78 29.90 -6.95
C GLY B 381 -12.52 29.84 -6.08
N PHE B 382 -12.50 30.71 -5.07
CA PHE B 382 -11.31 30.86 -4.24
C PHE B 382 -11.64 31.71 -3.02
N PHE B 383 -10.69 31.74 -2.08
CA PHE B 383 -10.73 32.63 -0.92
C PHE B 383 -9.87 33.85 -1.22
N LYS B 384 -10.50 35.01 -1.39
CA LYS B 384 -9.68 36.18 -1.70
C LYS B 384 -9.10 36.79 -0.42
N PRO B 385 -7.82 37.15 -0.43
CA PRO B 385 -7.24 37.85 0.72
C PRO B 385 -7.90 39.22 0.93
N ARG B 386 -7.76 39.73 2.14
CA ARG B 386 -8.31 41.02 2.52
C ARG B 386 -7.22 41.94 2.99
N LEU B 387 -7.41 43.24 2.75
CA LEU B 387 -6.45 44.26 3.14
C LEU B 387 -6.73 44.69 4.57
N LEU B 388 -5.87 44.28 5.49
CA LEU B 388 -6.00 44.65 6.90
C LEU B 388 -4.65 45.02 7.50
N SER B 397 -2.96 41.46 5.97
CA SER B 397 -1.69 41.92 6.52
C SER B 397 -0.78 40.74 6.83
N LEU B 398 -1.35 39.68 7.44
CA LEU B 398 -0.57 38.49 7.74
C LEU B 398 -0.23 37.68 6.50
N ILE B 399 -0.89 37.94 5.37
CA ILE B 399 -0.58 37.22 4.13
C ILE B 399 -0.25 38.14 2.97
N ILE B 400 -0.63 39.42 3.00
CA ILE B 400 -0.34 40.32 1.89
C ILE B 400 1.14 40.68 1.90
N ASN B 401 1.79 40.54 0.75
CA ASN B 401 3.18 40.92 0.54
C ASN B 401 4.11 40.21 1.53
N LYS B 402 3.76 38.99 1.93
CA LYS B 402 4.57 38.23 2.86
C LYS B 402 5.51 37.25 2.17
N GLY B 403 5.29 36.97 0.88
CA GLY B 403 6.20 36.15 0.11
C GLY B 403 7.13 37.00 -0.73
N ARG B 404 8.11 36.33 -1.35
CA ARG B 404 9.11 37.00 -2.18
C ARG B 404 9.09 36.40 -3.57
N LEU B 405 9.02 37.25 -4.58
CA LEU B 405 9.02 36.77 -5.96
C LEU B 405 10.39 36.23 -6.36
N TYR B 406 11.44 36.99 -6.06
CA TYR B 406 12.82 36.57 -6.28
C TYR B 406 13.07 36.20 -7.74
N GLY B 413 16.77 28.97 -4.71
CA GLY B 413 15.65 29.65 -4.08
C GLY B 413 14.38 28.85 -4.09
N LEU B 414 14.29 27.86 -3.20
CA LEU B 414 13.14 26.97 -3.13
C LEU B 414 11.86 27.67 -2.66
N ALA B 415 11.97 28.88 -2.09
CA ALA B 415 10.82 29.56 -1.51
C ALA B 415 10.28 30.67 -2.41
N SER B 416 10.57 30.62 -3.71
CA SER B 416 10.08 31.63 -4.64
C SER B 416 8.57 31.46 -4.85
N CYS B 417 7.87 32.58 -4.95
CA CYS B 417 6.45 32.53 -5.28
C CYS B 417 6.25 31.98 -6.69
N GLU B 418 5.07 31.43 -6.93
CA GLU B 418 4.68 31.09 -8.29
C GLU B 418 4.59 32.37 -9.12
N THR B 419 4.86 32.24 -10.41
CA THR B 419 4.75 33.39 -11.30
C THR B 419 3.29 33.82 -11.50
N LEU B 420 2.37 32.87 -11.40
CA LEU B 420 0.94 33.12 -11.52
C LEU B 420 0.23 32.71 -10.24
N ASP B 421 -1.05 33.08 -10.14
CA ASP B 421 -1.90 32.59 -9.07
C ASP B 421 -2.91 31.62 -9.66
N GLN B 422 -3.86 31.18 -8.83
CA GLN B 422 -4.82 30.16 -9.26
C GLN B 422 -5.59 30.61 -10.50
N ARG B 423 -5.95 31.89 -10.56
CA ARG B 423 -6.73 32.43 -11.67
C ARG B 423 -5.91 32.64 -12.93
N GLY B 424 -4.62 32.33 -12.91
CA GLY B 424 -3.75 32.63 -14.04
C GLY B 424 -3.27 34.06 -14.10
N LYS B 425 -3.65 34.90 -13.14
CA LYS B 425 -3.15 36.26 -13.09
C LYS B 425 -1.66 36.26 -12.73
N ARG B 426 -0.94 37.22 -13.29
CA ARG B 426 0.48 37.37 -12.99
C ARG B 426 0.66 38.01 -11.62
N ARG B 427 1.45 37.38 -10.76
CA ARG B 427 1.87 38.01 -9.51
C ARG B 427 2.97 39.02 -9.84
N THR B 428 2.62 40.30 -9.81
CA THR B 428 3.52 41.35 -10.28
C THR B 428 4.71 41.51 -9.34
N GLY B 429 5.55 42.49 -9.66
CA GLY B 429 6.72 42.78 -8.86
C GLY B 429 6.40 43.12 -7.42
N TYR B 430 5.77 44.28 -7.21
CA TYR B 430 5.38 44.75 -5.88
C TYR B 430 6.56 44.72 -4.93
N ASP B 431 7.67 45.31 -5.36
CA ASP B 431 8.94 45.26 -4.64
C ASP B 431 9.37 43.82 -4.38
N GLU B 432 9.23 42.97 -5.41
CA GLU B 432 9.63 41.57 -5.35
C GLU B 432 8.89 40.81 -4.25
N LEU B 433 7.64 41.21 -3.98
CA LEU B 433 6.83 40.59 -2.94
C LEU B 433 5.56 40.01 -3.54
N CYS B 434 5.05 38.95 -2.90
CA CYS B 434 3.82 38.30 -3.33
C CYS B 434 2.99 37.96 -2.11
N ASP B 435 1.79 37.45 -2.35
CA ASP B 435 0.84 37.14 -1.28
C ASP B 435 0.76 35.63 -1.06
N LEU B 436 0.74 35.24 0.21
CA LEU B 436 0.63 33.82 0.55
C LEU B 436 -0.73 33.27 0.14
N GLY B 437 -0.74 31.98 -0.22
CA GLY B 437 -1.96 31.32 -0.63
C GLY B 437 -2.10 31.27 -2.15
N ALA B 438 -3.26 30.77 -2.58
CA ALA B 438 -3.51 30.49 -3.98
C ALA B 438 -3.89 31.73 -4.79
N ILE B 439 -4.25 32.84 -4.13
CA ILE B 439 -4.77 34.01 -4.80
C ILE B 439 -3.88 35.21 -4.49
N GLU B 440 -3.46 35.91 -5.52
CA GLU B 440 -2.72 37.16 -5.37
C GLU B 440 -3.73 38.30 -5.27
N TYR B 441 -3.63 39.07 -4.19
CA TYR B 441 -4.51 40.23 -4.01
C TYR B 441 -4.08 41.33 -4.96
N ILE B 442 -4.95 41.69 -5.91
CA ILE B 442 -4.65 42.69 -6.92
C ILE B 442 -5.63 43.85 -6.85
N GLY B 443 -6.92 43.56 -6.81
CA GLY B 443 -7.94 44.61 -6.81
C GLY B 443 -8.25 45.10 -5.42
N LEU B 444 -8.41 46.43 -5.30
CA LEU B 444 -8.79 47.06 -4.03
C LEU B 444 -10.30 47.05 -3.81
N ASN B 445 -10.96 45.93 -4.11
CA ASN B 445 -12.40 45.85 -3.95
C ASN B 445 -12.83 46.00 -2.50
N ASP B 446 -12.02 45.52 -1.56
CA ASP B 446 -12.32 45.69 -0.15
C ASP B 446 -12.46 47.16 0.22
N ILE B 447 -11.53 47.99 -0.25
CA ILE B 447 -11.50 49.39 0.17
C ILE B 447 -12.62 50.19 -0.51
N PHE B 448 -12.98 49.84 -1.75
CA PHE B 448 -14.03 50.57 -2.43
C PHE B 448 -15.40 50.27 -1.81
N GLU B 449 -15.67 49.00 -1.52
CA GLU B 449 -16.93 48.58 -0.93
C GLU B 449 -17.11 49.05 0.50
N ALA B 450 -16.09 49.73 1.07
CA ALA B 450 -16.21 50.37 2.36
C ALA B 450 -16.87 51.75 2.29
N GLN B 451 -17.57 52.05 1.19
CA GLN B 451 -18.30 53.30 1.05
C GLN B 451 -19.60 53.32 1.83
N LYS B 452 -19.92 52.22 2.53
CA LYS B 452 -21.14 52.12 3.31
C LYS B 452 -21.26 53.19 4.39
N ILE B 453 -20.23 54.00 4.61
CA ILE B 453 -20.27 55.08 5.58
C ILE B 453 -21.39 56.04 5.19
N GLU B 454 -22.51 55.96 5.90
CA GLU B 454 -23.68 56.78 5.59
C GLU B 454 -24.15 57.55 6.81
MG MG C . 14.00 -14.28 -23.23
MG MG D . 2.03 2.50 -22.16
MG MG E . -22.26 3.17 -34.04
C1 BTB F . 12.96 4.17 -6.60
O1 BTB F . 14.37 4.15 -6.53
C2 BTB F . 12.39 2.83 -6.10
C3 BTB F . 10.86 2.94 -6.25
O3 BTB F . 10.19 1.83 -5.70
C4 BTB F . 12.80 1.67 -7.03
O4 BTB F . 12.08 1.65 -8.24
N BTB F . 12.68 2.56 -4.68
C5 BTB F . 13.75 1.62 -4.38
C6 BTB F . 13.26 0.27 -3.86
O6 BTB F . 14.37 -0.47 -3.35
C7 BTB F . 12.62 3.69 -3.76
C8 BTB F . 12.18 3.38 -2.33
O8 BTB F . 11.27 2.30 -2.28
#